data_6IO1
#
_entry.id   6IO1
#
_cell.length_a   118.258
_cell.length_b   118.258
_cell.length_c   170.514
_cell.angle_alpha   90.00
_cell.angle_beta   90.00
_cell.angle_gamma   120.00
#
_symmetry.space_group_name_H-M   'H 3'
#
loop_
_entity.id
_entity.type
_entity.pdbx_description
1 polymer 'Aminotransferase, class III'
2 non-polymer "4'-DEOXY-4'-AMINOPYRIDOXAL-5'-PHOSPHATE"
3 water water
#
_entity_poly.entity_id   1
_entity_poly.type   'polypeptide(L)'
_entity_poly.pdbx_seq_one_letter_code
;MQVETWNAAELVAKDIAHHLHPLTNLYQLRREGPLVLVRGEGVWVWDAEGKRYLDGFAGLWNVNIGHGRRELAEAAREQM
ERVAFVPTFFGLASPPTIELAARLAELFPGPLDHFQFTSGGAESNETAIKIARYYWWLKGQPERVKILSRRMAYHGIAMG
ALSATGVPAYWEGFGPRPPGFIHLTAPYKYRFGEGLTDEEFVARLVQELEETIEREGSETIAAFIGEPVQGAGGVVVPPD
GYWPAIAAVLRKYGILLILDEVITGFGRTGTLFGMQQYGVQPDIVTFAKGITSGYVPLGGVGVSDEIAETLASADRVFMH
GFTYSGHPVACAVALRNLDILLAERLWENAAASGAYLLQELKRLEERPYVGEVRGKGLMLLVEVVRDKASKEKFPPEFKL
GPKLEAATRRRGIIVRCTPDGIVMAPPLTISRAECDVLIEGVAAALSDVLD
;
_entity_poly.pdbx_strand_id   A,B
#
loop_
_chem_comp.id
_chem_comp.type
_chem_comp.name
_chem_comp.formula
PMP non-polymer 4'-DEOXY-4'-AMINOPYRIDOXAL-5'-PHOSPHATE 'C8 H13 N2 O5 P'
#
# COMPACT_ATOMS: atom_id res chain seq x y z
N VAL A 3 1.16 30.86 -16.57
CA VAL A 3 2.34 30.60 -15.77
C VAL A 3 1.97 30.54 -14.29
N GLU A 4 2.08 29.35 -13.70
CA GLU A 4 1.71 29.14 -12.32
C GLU A 4 2.67 29.86 -11.38
N THR A 5 2.13 30.44 -10.31
CA THR A 5 2.91 31.12 -9.29
C THR A 5 2.58 30.53 -7.92
N TRP A 6 3.63 30.28 -7.15
CA TRP A 6 3.54 29.65 -5.83
C TRP A 6 3.94 30.63 -4.75
N ASN A 7 3.38 30.43 -3.55
CA ASN A 7 3.78 31.20 -2.37
C ASN A 7 4.65 30.26 -1.54
N ALA A 8 5.96 30.38 -1.74
CA ALA A 8 6.90 29.44 -1.13
C ALA A 8 6.86 29.50 0.38
N ALA A 9 6.83 30.69 0.95
CA ALA A 9 6.79 30.83 2.40
C ALA A 9 5.54 30.18 2.98
N GLU A 10 4.39 30.41 2.34
CA GLU A 10 3.15 29.79 2.79
C GLU A 10 3.23 28.27 2.74
N LEU A 11 3.77 27.72 1.65
CA LEU A 11 3.88 26.27 1.53
C LEU A 11 4.83 25.71 2.58
N VAL A 12 5.95 26.38 2.82
CA VAL A 12 6.90 25.93 3.83
C VAL A 12 6.26 25.93 5.21
N ALA A 13 5.54 27.00 5.54
CA ALA A 13 4.88 27.09 6.84
C ALA A 13 3.85 25.99 7.01
N LYS A 14 3.01 25.79 6.00
CA LYS A 14 1.99 24.75 6.09
C LYS A 14 2.61 23.36 6.20
N ASP A 15 3.69 23.11 5.46
CA ASP A 15 4.36 21.81 5.52
C ASP A 15 4.94 21.56 6.90
N ILE A 16 5.63 22.55 7.47
CA ILE A 16 6.19 22.40 8.80
C ILE A 16 5.08 22.18 9.82
N ALA A 17 3.94 22.88 9.64
CA ALA A 17 2.87 22.80 10.62
C ALA A 17 2.13 21.46 10.57
N HIS A 18 1.96 20.88 9.37
CA HIS A 18 1.00 19.79 9.23
C HIS A 18 1.51 18.52 8.55
N HIS A 19 2.72 18.50 8.00
CA HIS A 19 3.18 17.37 7.19
C HIS A 19 4.20 16.55 7.97
N LEU A 20 3.84 15.32 8.30
CA LEU A 20 4.72 14.36 8.97
C LEU A 20 5.45 13.57 7.89
N HIS A 21 6.57 14.11 7.41
CA HIS A 21 7.28 13.53 6.28
C HIS A 21 7.75 12.12 6.60
N PRO A 22 7.68 11.19 5.64
CA PRO A 22 8.37 9.92 5.80
C PRO A 22 9.84 10.03 5.40
N LEU A 23 10.67 9.19 6.02
CA LEU A 23 12.10 9.10 5.70
C LEU A 23 12.75 10.48 5.77
N THR A 24 12.44 11.23 6.81
CA THR A 24 12.92 12.60 6.98
C THR A 24 13.28 12.83 8.43
N ASN A 25 14.30 13.66 8.64
CA ASN A 25 14.65 14.13 9.99
C ASN A 25 13.65 15.22 10.33
N LEU A 26 12.64 14.87 11.11
CA LEU A 26 11.58 15.82 11.44
C LEU A 26 12.13 16.99 12.23
N TYR A 27 13.11 16.71 13.11
CA TYR A 27 13.77 17.77 13.87
C TYR A 27 14.42 18.77 12.93
N GLN A 28 15.16 18.27 11.93
CA GLN A 28 15.75 19.16 10.93
C GLN A 28 14.69 19.84 10.09
N LEU A 29 13.61 19.12 9.75
CA LEU A 29 12.57 19.70 8.90
C LEU A 29 11.92 20.91 9.54
N ARG A 30 11.64 20.83 10.85
CA ARG A 30 11.01 21.96 11.53
C ARG A 30 11.89 23.20 11.50
N ARG A 31 13.21 23.01 11.60
CA ARG A 31 14.12 24.15 11.60
C ARG A 31 14.40 24.70 10.21
N GLU A 32 14.53 23.83 9.20
CA GLU A 32 14.94 24.24 7.87
C GLU A 32 13.81 24.24 6.84
N GLY A 33 12.76 23.47 7.05
CA GLY A 33 11.67 23.42 6.10
C GLY A 33 11.93 22.44 4.98
N PRO A 34 10.92 22.21 4.14
CA PRO A 34 11.06 21.24 3.05
C PRO A 34 11.55 21.89 1.76
N LEU A 35 11.87 21.04 0.79
CA LEU A 35 12.11 21.46 -0.58
C LEU A 35 10.84 21.14 -1.37
N VAL A 36 10.12 22.18 -1.76
CA VAL A 36 8.81 22.05 -2.36
C VAL A 36 8.98 22.07 -3.87
N LEU A 37 8.73 20.94 -4.53
CA LEU A 37 8.82 20.83 -5.97
C LEU A 37 7.43 20.96 -6.58
N VAL A 38 7.31 21.80 -7.62
CA VAL A 38 6.01 22.20 -8.14
C VAL A 38 5.84 21.85 -9.61
N ARG A 39 6.89 21.52 -10.34
CA ARG A 39 6.78 21.32 -11.77
C ARG A 39 7.86 20.36 -12.24
N GLY A 40 7.53 19.60 -13.28
CA GLY A 40 8.50 18.69 -13.83
C GLY A 40 8.41 18.51 -15.32
N GLU A 41 9.58 18.33 -15.95
CA GLU A 41 9.65 18.01 -17.40
C GLU A 41 10.86 17.10 -17.65
N GLY A 42 10.66 15.90 -18.19
CA GLY A 42 11.80 15.06 -18.51
C GLY A 42 12.54 14.74 -17.24
N VAL A 43 13.83 15.08 -17.20
CA VAL A 43 14.67 14.81 -16.04
C VAL A 43 14.78 16.02 -15.12
N TRP A 44 14.03 17.08 -15.40
CA TRP A 44 14.12 18.36 -14.69
C TRP A 44 12.90 18.58 -13.82
N VAL A 45 13.11 19.21 -12.67
CA VAL A 45 12.04 19.64 -11.78
C VAL A 45 12.35 21.06 -11.32
N TRP A 46 11.31 21.77 -10.89
CA TRP A 46 11.46 23.13 -10.42
C TRP A 46 10.81 23.26 -9.04
N ASP A 47 11.45 24.02 -8.15
CA ASP A 47 10.89 24.22 -6.83
C ASP A 47 9.94 25.43 -6.83
N ALA A 48 9.35 25.72 -5.67
CA ALA A 48 8.38 26.79 -5.56
C ALA A 48 8.96 28.16 -5.85
N GLU A 49 10.28 28.33 -5.72
CA GLU A 49 10.92 29.61 -5.99
C GLU A 49 11.46 29.72 -7.40
N GLY A 50 11.24 28.73 -8.26
CA GLY A 50 11.69 28.77 -9.63
C GLY A 50 13.06 28.18 -9.88
N LYS A 51 13.74 27.67 -8.85
CA LYS A 51 15.04 27.04 -9.05
C LYS A 51 14.88 25.70 -9.75
N ARG A 52 15.82 25.39 -10.64
CA ARG A 52 15.79 24.18 -11.44
C ARG A 52 16.71 23.11 -10.85
N TYR A 53 16.26 21.86 -10.89
CA TYR A 53 17.00 20.72 -10.40
C TYR A 53 16.94 19.61 -11.41
N LEU A 54 18.01 18.83 -11.47
CA LEU A 54 18.00 17.59 -12.23
C LEU A 54 17.53 16.49 -11.28
N ASP A 55 16.48 15.77 -11.66
CA ASP A 55 15.92 14.72 -10.81
C ASP A 55 16.78 13.47 -10.95
N GLY A 56 17.93 13.52 -10.27
CA GLY A 56 18.92 12.45 -10.35
C GLY A 56 18.49 11.14 -9.71
N PHE A 57 17.39 11.15 -8.96
CA PHE A 57 16.86 9.93 -8.34
C PHE A 57 15.55 9.49 -8.96
N ALA A 58 15.07 10.18 -10.00
CA ALA A 58 13.80 9.88 -10.66
C ALA A 58 12.68 9.74 -9.64
N GLY A 59 12.60 10.70 -8.73
CA GLY A 59 11.69 10.58 -7.61
C GLY A 59 12.20 9.58 -6.61
N LEU A 60 11.72 8.34 -6.71
CA LEU A 60 12.17 7.23 -5.87
C LEU A 60 12.41 6.01 -6.76
N TRP A 61 13.43 6.12 -7.62
CA TRP A 61 13.79 5.10 -8.62
C TRP A 61 12.65 4.80 -9.59
N ASN A 62 11.65 5.68 -9.74
CA ASN A 62 10.43 5.25 -10.41
C ASN A 62 9.99 6.09 -11.60
N VAL A 63 10.44 7.32 -11.78
CA VAL A 63 9.98 8.11 -12.92
C VAL A 63 10.82 7.74 -14.14
N ASN A 64 10.59 6.54 -14.67
CA ASN A 64 11.49 5.98 -15.67
C ASN A 64 11.40 6.73 -17.00
N ILE A 65 10.19 7.05 -17.47
CA ILE A 65 10.05 7.72 -18.76
C ILE A 65 10.09 9.23 -18.65
N GLY A 66 10.33 9.78 -17.45
CA GLY A 66 10.47 11.20 -17.28
C GLY A 66 9.16 11.90 -16.93
N HIS A 67 9.30 13.16 -16.52
CA HIS A 67 8.17 13.97 -16.12
C HIS A 67 7.48 14.60 -17.34
N GLY A 68 6.23 15.01 -17.13
CA GLY A 68 5.53 15.82 -18.11
C GLY A 68 4.98 15.09 -19.30
N ARG A 69 4.75 13.79 -19.21
CA ARG A 69 4.22 13.03 -20.34
C ARG A 69 2.70 13.21 -20.39
N ARG A 70 2.25 14.01 -21.36
CA ARG A 70 0.80 14.28 -21.51
C ARG A 70 0.07 12.97 -21.76
N GLU A 71 0.70 12.05 -22.51
CA GLU A 71 0.02 10.82 -22.89
C GLU A 71 -0.56 10.10 -21.67
N LEU A 72 0.23 10.01 -20.60
CA LEU A 72 -0.25 9.34 -19.39
C LEU A 72 -1.36 10.14 -18.72
N ALA A 73 -1.24 11.47 -18.72
CA ALA A 73 -2.29 12.31 -18.16
C ALA A 73 -3.61 12.11 -18.90
N GLU A 74 -3.55 12.06 -20.24
CA GLU A 74 -4.76 11.85 -21.02
C GLU A 74 -5.32 10.46 -20.80
N ALA A 75 -4.46 9.45 -20.65
CA ALA A 75 -4.94 8.10 -20.35
C ALA A 75 -5.70 8.07 -19.03
N ALA A 76 -5.12 8.68 -17.99
CA ALA A 76 -5.79 8.72 -16.69
C ALA A 76 -7.09 9.47 -16.78
N ARG A 77 -7.10 10.60 -17.49
CA ARG A 77 -8.31 11.41 -17.63
C ARG A 77 -9.41 10.61 -18.32
N GLU A 78 -9.06 9.93 -19.42
CA GLU A 78 -10.04 9.13 -20.16
C GLU A 78 -10.63 8.04 -19.27
N GLN A 79 -9.76 7.30 -18.56
CA GLN A 79 -10.27 6.22 -17.74
C GLN A 79 -11.15 6.75 -16.61
N MET A 80 -10.72 7.84 -15.95
CA MET A 80 -11.51 8.39 -14.86
C MET A 80 -12.87 8.88 -15.33
N GLU A 81 -12.93 9.48 -16.53
CA GLU A 81 -14.22 9.89 -17.07
C GLU A 81 -15.09 8.68 -17.37
N ARG A 82 -14.49 7.62 -17.92
CA ARG A 82 -15.26 6.42 -18.20
C ARG A 82 -15.69 5.73 -16.91
N VAL A 83 -14.74 5.40 -16.03
CA VAL A 83 -14.99 4.95 -14.67
C VAL A 83 -13.67 4.89 -13.91
N ALA A 84 -13.64 5.43 -12.69
CA ALA A 84 -12.38 5.55 -11.97
C ALA A 84 -12.02 4.32 -11.15
N PHE A 85 -12.97 3.67 -10.49
CA PHE A 85 -12.66 2.54 -9.62
C PHE A 85 -13.61 1.39 -9.87
N VAL A 86 -13.04 0.24 -10.24
CA VAL A 86 -13.74 -1.03 -10.25
C VAL A 86 -12.88 -2.00 -9.42
N PRO A 87 -13.41 -2.63 -8.39
CA PRO A 87 -12.58 -3.53 -7.59
C PRO A 87 -12.28 -4.81 -8.34
N THR A 88 -11.20 -5.46 -7.94
CA THR A 88 -10.88 -6.80 -8.40
C THR A 88 -11.34 -7.85 -7.41
N PHE A 89 -11.95 -7.43 -6.31
CA PHE A 89 -12.54 -8.33 -5.33
C PHE A 89 -13.77 -9.02 -5.92
N PHE A 90 -14.14 -10.15 -5.31
CA PHE A 90 -15.40 -10.83 -5.57
C PHE A 90 -15.59 -11.15 -7.05
N GLY A 91 -14.50 -11.45 -7.75
CA GLY A 91 -14.59 -11.80 -9.16
C GLY A 91 -14.87 -10.64 -10.08
N LEU A 92 -14.74 -9.40 -9.62
CA LEU A 92 -14.93 -8.23 -10.46
C LEU A 92 -13.60 -7.83 -11.11
N ALA A 93 -13.69 -7.12 -12.22
CA ALA A 93 -12.50 -6.61 -12.90
C ALA A 93 -12.90 -5.57 -13.92
N SER A 94 -11.94 -4.73 -14.29
CA SER A 94 -12.09 -3.74 -15.34
C SER A 94 -11.22 -4.12 -16.55
N PRO A 95 -11.55 -3.60 -17.74
CA PRO A 95 -10.77 -3.96 -18.94
C PRO A 95 -9.31 -3.58 -18.83
N PRO A 96 -8.94 -2.40 -18.32
CA PRO A 96 -7.50 -2.09 -18.25
C PRO A 96 -6.73 -3.06 -17.36
N THR A 97 -7.33 -3.50 -16.25
CA THR A 97 -6.66 -4.45 -15.37
C THR A 97 -6.39 -5.77 -16.10
N ILE A 98 -7.40 -6.28 -16.80
CA ILE A 98 -7.26 -7.55 -17.52
C ILE A 98 -6.21 -7.43 -18.62
N GLU A 99 -6.26 -6.33 -19.38
CA GLU A 99 -5.29 -6.14 -20.45
C GLU A 99 -3.88 -6.02 -19.90
N LEU A 100 -3.71 -5.32 -18.77
CA LEU A 100 -2.39 -5.23 -18.16
C LEU A 100 -1.90 -6.59 -17.70
N ALA A 101 -2.79 -7.41 -17.13
CA ALA A 101 -2.38 -8.74 -16.70
C ALA A 101 -1.89 -9.57 -17.88
N ALA A 102 -2.63 -9.55 -19.00
CA ALA A 102 -2.21 -10.30 -20.18
C ALA A 102 -0.89 -9.77 -20.74
N ARG A 103 -0.76 -8.44 -20.80
CA ARG A 103 0.46 -7.84 -21.33
C ARG A 103 1.67 -8.20 -20.48
N LEU A 104 1.51 -8.16 -19.15
CA LEU A 104 2.60 -8.56 -18.26
C LEU A 104 2.92 -10.04 -18.40
N ALA A 105 1.91 -10.88 -18.63
CA ALA A 105 2.17 -12.28 -18.92
C ALA A 105 3.06 -12.43 -20.15
N GLU A 106 2.83 -11.58 -21.15
CA GLU A 106 3.69 -11.59 -22.32
C GLU A 106 5.10 -11.09 -21.99
N LEU A 107 5.18 -9.98 -21.26
CA LEU A 107 6.48 -9.32 -21.03
C LEU A 107 7.37 -10.12 -20.08
N PHE A 108 6.79 -10.71 -19.05
CA PHE A 108 7.59 -11.49 -18.11
C PHE A 108 7.91 -12.85 -18.72
N PRO A 109 9.18 -13.23 -18.84
CA PRO A 109 9.53 -14.47 -19.52
C PRO A 109 9.00 -15.71 -18.82
N GLY A 110 8.72 -16.74 -19.60
CA GLY A 110 8.33 -18.03 -19.10
C GLY A 110 6.92 -18.05 -18.53
N PRO A 111 6.66 -19.03 -17.65
CA PRO A 111 5.28 -19.22 -17.16
C PRO A 111 4.89 -18.24 -16.07
N LEU A 112 5.60 -17.11 -15.95
CA LEU A 112 5.18 -16.04 -15.05
C LEU A 112 4.01 -15.35 -15.71
N ASP A 113 2.84 -15.96 -15.55
CA ASP A 113 1.66 -15.56 -16.31
C ASP A 113 0.46 -15.18 -15.46
N HIS A 114 0.54 -15.23 -14.12
CA HIS A 114 -0.64 -14.90 -13.33
C HIS A 114 -0.31 -13.76 -12.38
N PHE A 115 -1.16 -12.73 -12.35
CA PHE A 115 -0.81 -11.50 -11.67
C PHE A 115 -1.92 -11.03 -10.73
N GLN A 116 -1.52 -10.52 -9.57
CA GLN A 116 -2.39 -9.80 -8.65
C GLN A 116 -1.76 -8.45 -8.37
N PHE A 117 -2.54 -7.39 -8.56
CA PHE A 117 -2.00 -6.04 -8.46
C PHE A 117 -2.14 -5.48 -7.05
N THR A 118 -1.32 -4.45 -6.78
CA THR A 118 -1.24 -3.76 -5.49
C THR A 118 -1.01 -2.29 -5.80
N SER A 119 -0.72 -1.51 -4.75
CA SER A 119 -0.45 -0.08 -4.91
C SER A 119 1.00 0.28 -4.61
N GLY A 120 1.86 -0.66 -4.25
CA GLY A 120 3.23 -0.31 -3.93
C GLY A 120 4.10 -1.54 -3.78
N GLY A 121 5.41 -1.27 -3.67
CA GLY A 121 6.37 -2.35 -3.55
C GLY A 121 6.23 -3.15 -2.27
N ALA A 122 6.00 -2.47 -1.14
CA ALA A 122 5.84 -3.17 0.13
C ALA A 122 4.61 -4.08 0.10
N GLU A 123 3.50 -3.58 -0.46
CA GLU A 123 2.31 -4.41 -0.62
C GLU A 123 2.61 -5.62 -1.49
N SER A 124 3.38 -5.42 -2.57
CA SER A 124 3.72 -6.52 -3.46
C SER A 124 4.55 -7.58 -2.76
N ASN A 125 5.58 -7.16 -2.04
CA ASN A 125 6.43 -8.13 -1.35
C ASN A 125 5.67 -8.87 -0.25
N GLU A 126 4.77 -8.14 0.43
CA GLU A 126 3.92 -8.74 1.49
C GLU A 126 3.03 -9.80 0.84
N THR A 127 2.47 -9.49 -0.35
CA THR A 127 1.63 -10.42 -1.08
C THR A 127 2.41 -11.65 -1.53
N ALA A 128 3.64 -11.44 -2.03
CA ALA A 128 4.45 -12.56 -2.48
C ALA A 128 4.81 -13.50 -1.32
N ILE A 129 5.18 -12.94 -0.18
CA ILE A 129 5.52 -13.77 0.98
C ILE A 129 4.31 -14.58 1.42
N LYS A 130 3.15 -13.92 1.50
CA LYS A 130 1.93 -14.61 1.89
C LYS A 130 1.56 -15.69 0.87
N ILE A 131 1.77 -15.41 -0.42
CA ILE A 131 1.46 -16.39 -1.46
C ILE A 131 2.36 -17.61 -1.34
N ALA A 132 3.65 -17.40 -1.08
CA ALA A 132 4.56 -18.54 -0.92
C ALA A 132 4.14 -19.40 0.26
N ARG A 133 3.86 -18.77 1.41
CA ARG A 133 3.46 -19.53 2.58
C ARG A 133 2.13 -20.25 2.35
N TYR A 134 1.16 -19.56 1.72
CA TYR A 134 -0.13 -20.16 1.42
C TYR A 134 0.00 -21.31 0.42
N TYR A 135 0.92 -21.17 -0.55
CA TYR A 135 1.16 -22.23 -1.51
C TYR A 135 1.66 -23.49 -0.82
N TRP A 136 2.65 -23.34 0.07
CA TRP A 136 3.12 -24.51 0.81
C TRP A 136 2.04 -25.05 1.74
N TRP A 137 1.21 -24.17 2.31
CA TRP A 137 0.10 -24.62 3.14
C TRP A 137 -0.89 -25.48 2.34
N LEU A 138 -1.21 -25.06 1.12
CA LEU A 138 -2.10 -25.84 0.27
C LEU A 138 -1.47 -27.17 -0.11
N LYS A 139 -0.14 -27.24 -0.15
CA LYS A 139 0.56 -28.48 -0.48
C LYS A 139 0.67 -29.42 0.70
N GLY A 140 0.11 -29.08 1.85
CA GLY A 140 0.20 -29.92 3.02
C GLY A 140 1.50 -29.78 3.81
N GLN A 141 2.17 -28.64 3.71
CA GLN A 141 3.41 -28.38 4.42
C GLN A 141 3.28 -27.09 5.21
N PRO A 142 2.47 -27.09 6.27
CA PRO A 142 2.21 -25.84 7.01
C PRO A 142 3.42 -25.28 7.75
N GLU A 143 4.46 -26.07 7.99
CA GLU A 143 5.64 -25.58 8.69
C GLU A 143 6.66 -24.94 7.76
N ARG A 144 6.42 -24.96 6.45
CA ARG A 144 7.32 -24.36 5.46
C ARG A 144 6.93 -22.88 5.29
N VAL A 145 7.43 -22.06 6.20
CA VAL A 145 7.03 -20.64 6.24
C VAL A 145 8.23 -19.70 6.29
N LYS A 146 9.41 -20.23 6.59
CA LYS A 146 10.58 -19.37 6.75
C LYS A 146 10.95 -18.69 5.44
N ILE A 147 11.39 -17.44 5.51
CA ILE A 147 11.74 -16.67 4.33
C ILE A 147 13.21 -16.30 4.40
N LEU A 148 13.95 -16.65 3.35
CA LEU A 148 15.36 -16.30 3.26
C LEU A 148 15.49 -14.93 2.62
N SER A 149 16.25 -14.07 3.27
CA SER A 149 16.52 -12.73 2.76
C SER A 149 17.97 -12.41 3.03
N ARG A 150 18.39 -11.22 2.65
CA ARG A 150 19.78 -10.86 2.79
C ARG A 150 19.97 -9.59 3.59
N ARG A 151 21.15 -9.54 4.20
CA ARG A 151 21.67 -8.36 4.84
C ARG A 151 21.81 -7.26 3.80
N MET A 152 21.32 -6.07 4.15
CA MET A 152 21.22 -4.89 3.30
C MET A 152 20.06 -4.98 2.30
N ALA A 153 19.24 -6.02 2.32
CA ALA A 153 18.08 -6.07 1.43
C ALA A 153 16.99 -5.13 1.93
N TYR A 154 16.24 -4.56 0.99
CA TYR A 154 15.13 -3.67 1.30
C TYR A 154 13.91 -4.09 0.50
N HIS A 155 12.86 -4.54 1.21
CA HIS A 155 11.66 -5.03 0.56
C HIS A 155 10.38 -4.33 1.03
N GLY A 156 10.50 -3.21 1.74
CA GLY A 156 9.37 -2.50 2.29
C GLY A 156 9.43 -2.39 3.80
N ILE A 157 8.57 -1.50 4.33
CA ILE A 157 8.52 -1.21 5.76
C ILE A 157 7.18 -1.58 6.38
N ALA A 158 6.41 -2.44 5.71
CA ALA A 158 5.15 -2.93 6.28
C ALA A 158 5.28 -4.42 6.58
N ALA A 161 7.39 -7.77 4.96
CA ALA A 161 8.40 -7.17 4.10
C ALA A 161 9.45 -6.43 4.93
N LEU A 162 9.00 -5.79 6.02
CA LEU A 162 9.94 -5.14 6.94
C LEU A 162 10.93 -6.14 7.51
N SER A 163 10.45 -7.33 7.87
CA SER A 163 11.35 -8.38 8.35
C SER A 163 12.28 -8.84 7.24
N ALA A 164 11.76 -8.97 6.01
CA ALA A 164 12.60 -9.37 4.88
C ALA A 164 13.70 -8.36 4.64
N THR A 165 13.40 -7.08 4.84
CA THR A 165 14.40 -6.04 4.70
C THR A 165 15.57 -6.28 5.65
N GLY A 166 16.78 -6.17 5.11
CA GLY A 166 18.04 -6.44 5.84
C GLY A 166 18.72 -5.22 6.45
N VAL A 167 18.16 -4.02 6.25
CA VAL A 167 18.81 -2.81 6.85
C VAL A 167 18.26 -2.66 8.27
N PRO A 168 19.08 -2.79 9.34
CA PRO A 168 18.56 -2.73 10.72
C PRO A 168 18.05 -1.36 11.14
N ALA A 169 18.50 -0.29 10.48
CA ALA A 169 18.06 1.06 10.86
C ALA A 169 16.55 1.20 10.73
N TYR A 170 15.93 0.44 9.85
CA TYR A 170 14.48 0.50 9.69
C TYR A 170 13.75 -0.16 10.86
N TRP A 171 14.39 -1.10 11.54
CA TRP A 171 13.72 -1.83 12.62
C TRP A 171 13.61 -1.02 13.91
N GLU A 172 14.63 -0.23 14.24
CA GLU A 172 14.77 0.33 15.58
C GLU A 172 13.56 1.18 15.99
N GLY A 173 13.02 0.85 17.17
CA GLY A 173 11.96 1.60 17.77
C GLY A 173 10.57 1.26 17.30
N PHE A 174 10.41 0.36 16.34
CA PHE A 174 9.09 0.03 15.81
C PHE A 174 8.52 -1.25 16.39
N GLY A 175 9.16 -1.83 17.40
CA GLY A 175 8.64 -2.98 18.08
C GLY A 175 9.03 -4.30 17.45
N PRO A 176 8.30 -5.36 17.80
CA PRO A 176 8.63 -6.69 17.29
C PRO A 176 8.29 -6.83 15.81
N ARG A 177 8.99 -7.74 15.15
CA ARG A 177 8.80 -7.98 13.73
C ARG A 177 8.24 -9.38 13.49
N PRO A 178 7.59 -9.60 12.36
CA PRO A 178 7.09 -10.93 12.03
C PRO A 178 8.23 -11.94 11.96
N PRO A 179 8.06 -13.11 12.55
CA PRO A 179 9.13 -14.11 12.56
C PRO A 179 9.17 -14.89 11.25
N GLY A 180 10.10 -15.83 11.18
CA GLY A 180 10.25 -16.66 10.01
C GLY A 180 11.19 -16.12 8.96
N PHE A 181 12.01 -15.13 9.27
CA PHE A 181 12.92 -14.55 8.31
C PHE A 181 14.36 -14.85 8.70
N ILE A 182 15.13 -15.35 7.72
CA ILE A 182 16.56 -15.71 7.86
C ILE A 182 17.36 -14.75 6.97
N HIS A 183 18.40 -14.12 7.52
CA HIS A 183 19.17 -13.12 6.79
C HIS A 183 20.53 -13.69 6.41
N LEU A 184 20.82 -13.67 5.11
CA LEU A 184 22.10 -14.09 4.56
C LEU A 184 22.99 -12.88 4.32
N THR A 185 24.26 -13.16 4.01
CA THR A 185 25.19 -12.09 3.67
C THR A 185 24.87 -11.56 2.28
N ALA A 186 25.03 -10.24 2.10
CA ALA A 186 24.82 -9.58 0.80
C ALA A 186 26.04 -9.79 -0.08
N PRO A 187 25.90 -10.04 -1.40
CA PRO A 187 27.06 -10.22 -2.30
C PRO A 187 27.79 -8.90 -2.54
N TYR A 188 28.30 -8.34 -1.45
CA TYR A 188 28.92 -7.01 -1.39
C TYR A 188 30.43 -7.21 -1.29
N LYS A 189 31.08 -7.30 -2.46
CA LYS A 189 32.50 -7.66 -2.51
C LYS A 189 33.40 -6.63 -1.85
N TYR A 190 33.04 -5.34 -1.96
CA TYR A 190 33.93 -4.28 -1.48
C TYR A 190 34.25 -4.44 0.00
N ARG A 191 33.30 -4.92 0.80
CA ARG A 191 33.51 -5.10 2.23
C ARG A 191 33.47 -6.54 2.70
N PHE A 192 32.89 -7.45 1.92
CA PHE A 192 32.78 -8.85 2.32
C PHE A 192 33.57 -9.81 1.44
N GLY A 193 34.16 -9.34 0.34
CA GLY A 193 34.92 -10.20 -0.53
C GLY A 193 36.33 -9.73 -0.78
N GLU A 194 36.95 -9.12 0.23
CA GLU A 194 38.30 -8.58 0.08
C GLU A 194 39.30 -9.67 -0.25
N GLY A 195 40.14 -9.41 -1.24
CA GLY A 195 41.18 -10.36 -1.62
C GLY A 195 40.65 -11.66 -2.19
N LEU A 196 39.50 -11.63 -2.85
CA LEU A 196 38.90 -12.82 -3.42
C LEU A 196 38.59 -12.57 -4.89
N THR A 197 38.64 -13.64 -5.69
CA THR A 197 38.11 -13.57 -7.03
C THR A 197 36.59 -13.64 -6.97
N ASP A 198 35.94 -13.30 -8.09
CA ASP A 198 34.49 -13.42 -8.16
C ASP A 198 34.05 -14.85 -7.93
N GLU A 199 34.79 -15.81 -8.49
CA GLU A 199 34.47 -17.22 -8.32
C GLU A 199 34.52 -17.64 -6.86
N GLU A 200 35.60 -17.28 -6.16
CA GLU A 200 35.74 -17.65 -4.76
C GLU A 200 34.68 -16.99 -3.88
N PHE A 201 34.38 -15.72 -4.15
CA PHE A 201 33.34 -15.03 -3.40
C PHE A 201 31.98 -15.70 -3.59
N VAL A 202 31.66 -16.05 -4.83
CA VAL A 202 30.40 -16.75 -5.09
C VAL A 202 30.39 -18.10 -4.39
N ALA A 203 31.54 -18.80 -4.38
CA ALA A 203 31.60 -20.09 -3.71
C ALA A 203 31.33 -19.95 -2.22
N ARG A 204 31.91 -18.93 -1.59
CA ARG A 204 31.66 -18.71 -0.16
C ARG A 204 30.20 -18.37 0.10
N LEU A 205 29.59 -17.54 -0.75
CA LEU A 205 28.18 -17.21 -0.57
C LEU A 205 27.30 -18.45 -0.72
N VAL A 206 27.61 -19.29 -1.71
CA VAL A 206 26.86 -20.53 -1.90
C VAL A 206 27.02 -21.43 -0.69
N GLN A 207 28.23 -21.53 -0.14
CA GLN A 207 28.45 -22.33 1.05
C GLN A 207 27.64 -21.80 2.22
N GLU A 208 27.57 -20.48 2.38
CA GLU A 208 26.74 -19.91 3.44
C GLU A 208 25.28 -20.28 3.25
N LEU A 209 24.79 -20.20 2.00
CA LEU A 209 23.40 -20.57 1.75
C LEU A 209 23.15 -22.03 2.08
N GLU A 210 24.06 -22.91 1.68
CA GLU A 210 23.90 -24.34 1.97
C GLU A 210 23.91 -24.60 3.47
N GLU A 211 24.84 -23.98 4.20
CA GLU A 211 24.92 -24.19 5.64
C GLU A 211 23.67 -23.65 6.34
N THR A 212 23.16 -22.50 5.88
CA THR A 212 21.92 -21.96 6.44
C THR A 212 20.74 -22.89 6.20
N ILE A 213 20.62 -23.41 4.98
CA ILE A 213 19.52 -24.33 4.67
C ILE A 213 19.63 -25.58 5.54
N GLU A 214 20.85 -26.12 5.68
CA GLU A 214 21.05 -27.29 6.53
C GLU A 214 20.70 -26.99 7.97
N ARG A 215 21.10 -25.83 8.48
CA ARG A 215 20.82 -25.45 9.86
C ARG A 215 19.31 -25.32 10.10
N GLU A 216 18.63 -24.54 9.25
CA GLU A 216 17.20 -24.31 9.43
C GLU A 216 16.38 -25.55 9.05
N GLY A 217 16.82 -26.28 8.03
CA GLY A 217 16.01 -27.36 7.50
C GLY A 217 15.27 -26.93 6.26
N SER A 218 15.58 -27.56 5.12
CA SER A 218 15.02 -27.12 3.84
C SER A 218 13.50 -27.20 3.82
N GLU A 219 12.93 -28.18 4.53
CA GLU A 219 11.47 -28.35 4.54
C GLU A 219 10.75 -27.25 5.29
N THR A 220 11.47 -26.39 6.03
CA THR A 220 10.85 -25.30 6.75
C THR A 220 11.00 -23.96 6.04
N ILE A 221 11.67 -23.92 4.88
CA ILE A 221 11.95 -22.69 4.17
C ILE A 221 11.01 -22.60 2.98
N ALA A 222 10.09 -21.64 3.03
CA ALA A 222 9.13 -21.45 1.94
C ALA A 222 9.78 -20.83 0.72
N ALA A 223 10.60 -19.80 0.89
CA ALA A 223 11.10 -19.08 -0.28
C ALA A 223 12.34 -18.26 0.09
N PHE A 224 12.98 -17.76 -0.97
CA PHE A 224 14.08 -16.80 -0.89
C PHE A 224 13.63 -15.56 -1.64
N ILE A 225 13.80 -14.38 -1.03
CA ILE A 225 13.41 -13.13 -1.65
C ILE A 225 14.65 -12.24 -1.78
N GLY A 226 14.82 -11.66 -2.96
CA GLY A 226 15.95 -10.79 -3.20
C GLY A 226 15.78 -9.96 -4.45
N GLU A 227 16.49 -8.85 -4.48
CA GLU A 227 16.58 -7.98 -5.66
C GLU A 227 17.71 -8.46 -6.56
N PRO A 228 17.53 -8.42 -7.88
CA PRO A 228 18.66 -8.77 -8.77
C PRO A 228 19.88 -7.91 -8.50
N VAL A 229 19.69 -6.60 -8.40
CA VAL A 229 20.68 -5.68 -7.85
C VAL A 229 20.02 -4.98 -6.68
N GLN A 230 20.58 -5.16 -5.49
CA GLN A 230 20.03 -4.52 -4.31
C GLN A 230 20.10 -3.01 -4.48
N GLY A 231 18.99 -2.32 -4.21
CA GLY A 231 18.92 -0.90 -4.50
C GLY A 231 19.05 0.05 -3.33
N ALA A 232 18.06 0.05 -2.43
CA ALA A 232 18.11 0.97 -1.29
C ALA A 232 19.22 0.59 -0.31
N GLY A 233 19.56 -0.70 -0.22
CA GLY A 233 20.60 -1.14 0.68
C GLY A 233 21.98 -0.60 0.35
N GLY A 234 22.18 -0.11 -0.86
CA GLY A 234 23.47 0.46 -1.22
C GLY A 234 23.99 0.07 -2.59
N VAL A 235 23.10 -0.18 -3.54
CA VAL A 235 23.43 -0.51 -4.92
C VAL A 235 24.52 -1.58 -4.96
N VAL A 236 24.21 -2.76 -4.45
CA VAL A 236 25.15 -3.88 -4.42
C VAL A 236 25.00 -4.66 -5.72
N VAL A 237 25.98 -4.52 -6.61
CA VAL A 237 25.99 -5.27 -7.86
C VAL A 237 26.57 -6.64 -7.58
N PRO A 238 25.84 -7.72 -7.83
CA PRO A 238 26.32 -9.06 -7.47
C PRO A 238 27.47 -9.48 -8.38
N PRO A 239 28.33 -10.36 -7.89
CA PRO A 239 29.43 -10.85 -8.74
C PRO A 239 28.90 -11.77 -9.83
N ASP A 240 29.73 -11.94 -10.87
CA ASP A 240 29.37 -12.81 -11.97
C ASP A 240 29.16 -14.24 -11.47
N GLY A 241 28.05 -14.84 -11.92
CA GLY A 241 27.75 -16.21 -11.55
C GLY A 241 27.03 -16.38 -10.23
N TYR A 242 26.78 -15.30 -9.49
CA TYR A 242 26.13 -15.42 -8.19
C TYR A 242 24.70 -15.95 -8.33
N TRP A 243 23.90 -15.30 -9.17
CA TRP A 243 22.49 -15.67 -9.28
C TRP A 243 22.28 -17.08 -9.82
N PRO A 244 22.97 -17.55 -10.88
CA PRO A 244 22.75 -18.93 -11.31
C PRO A 244 23.05 -19.96 -10.24
N ALA A 245 24.16 -19.79 -9.49
CA ALA A 245 24.50 -20.74 -8.44
C ALA A 245 23.47 -20.72 -7.31
N ILE A 246 23.09 -19.53 -6.87
CA ILE A 246 22.12 -19.41 -5.78
C ILE A 246 20.79 -20.04 -6.20
N ALA A 247 20.33 -19.73 -7.41
CA ALA A 247 19.08 -20.30 -7.91
C ALA A 247 19.18 -21.82 -8.02
N ALA A 248 20.34 -22.33 -8.41
CA ALA A 248 20.53 -23.78 -8.50
C ALA A 248 20.38 -24.43 -7.14
N VAL A 249 20.97 -23.82 -6.10
CA VAL A 249 20.81 -24.35 -4.74
C VAL A 249 19.34 -24.36 -4.34
N LEU A 250 18.66 -23.24 -4.58
CA LEU A 250 17.25 -23.12 -4.21
C LEU A 250 16.41 -24.19 -4.90
N ARG A 251 16.65 -24.39 -6.21
CA ARG A 251 15.93 -25.44 -6.92
C ARG A 251 16.30 -26.82 -6.40
N LYS A 252 17.55 -27.01 -5.96
CA LYS A 252 17.94 -28.28 -5.39
C LYS A 252 17.09 -28.63 -4.17
N TYR A 253 16.77 -27.63 -3.35
CA TYR A 253 15.94 -27.90 -2.19
C TYR A 253 14.46 -27.62 -2.41
N GLY A 254 14.06 -27.21 -3.61
CA GLY A 254 12.67 -26.92 -3.87
C GLY A 254 12.18 -25.60 -3.32
N ILE A 255 13.10 -24.76 -2.83
CA ILE A 255 12.72 -23.48 -2.25
C ILE A 255 12.31 -22.52 -3.35
N LEU A 256 11.18 -21.84 -3.16
CA LEU A 256 10.70 -20.89 -4.15
C LEU A 256 11.63 -19.67 -4.20
N LEU A 257 11.73 -19.08 -5.37
CA LEU A 257 12.52 -17.88 -5.58
C LEU A 257 11.58 -16.70 -5.85
N ILE A 258 11.62 -15.71 -4.97
CA ILE A 258 10.88 -14.47 -5.14
C ILE A 258 11.89 -13.40 -5.57
N LEU A 259 11.77 -12.93 -6.81
CA LEU A 259 12.66 -11.90 -7.33
C LEU A 259 11.98 -10.55 -7.19
N ASP A 260 12.63 -9.63 -6.48
CA ASP A 260 12.09 -8.30 -6.22
C ASP A 260 12.58 -7.39 -7.33
N GLU A 261 11.71 -7.12 -8.30
CA GLU A 261 12.03 -6.25 -9.42
C GLU A 261 11.39 -4.87 -9.28
N VAL A 262 11.09 -4.45 -8.04
CA VAL A 262 10.43 -3.17 -7.83
C VAL A 262 11.28 -2.02 -8.37
N ILE A 263 12.59 -2.07 -8.13
CA ILE A 263 13.49 -1.05 -8.64
C ILE A 263 14.06 -1.42 -10.00
N THR A 264 14.60 -2.63 -10.12
CA THR A 264 15.24 -3.05 -11.36
C THR A 264 14.27 -3.16 -12.51
N GLY A 265 12.98 -3.40 -12.23
CA GLY A 265 12.04 -3.69 -13.27
C GLY A 265 11.79 -2.52 -14.20
N PHE A 266 11.35 -2.88 -15.41
CA PHE A 266 10.95 -1.93 -16.44
C PHE A 266 12.10 -1.03 -16.88
N GLY A 267 13.23 -1.66 -17.19
CA GLY A 267 14.28 -1.05 -17.98
C GLY A 267 15.45 -0.39 -17.26
N ARG A 268 15.46 -0.39 -15.93
CA ARG A 268 16.49 0.39 -15.23
C ARG A 268 17.89 -0.20 -15.42
N THR A 269 18.03 -1.52 -15.48
CA THR A 269 19.34 -2.15 -15.51
C THR A 269 19.93 -2.27 -16.90
N GLY A 270 19.23 -1.85 -17.94
CA GLY A 270 19.67 -2.02 -19.31
C GLY A 270 18.91 -3.09 -20.06
N THR A 271 18.10 -3.88 -19.36
CA THR A 271 17.13 -4.79 -19.95
C THR A 271 15.78 -4.47 -19.31
N LEU A 272 14.71 -5.03 -19.89
CA LEU A 272 13.38 -4.76 -19.35
C LEU A 272 13.28 -5.18 -17.90
N PHE A 273 13.81 -6.36 -17.56
CA PHE A 273 13.84 -6.85 -16.20
C PHE A 273 15.23 -7.36 -15.86
N GLY A 274 15.61 -7.27 -14.58
CA GLY A 274 16.92 -7.73 -14.15
C GLY A 274 17.11 -9.23 -14.28
N MET A 275 16.00 -9.97 -14.28
CA MET A 275 16.09 -11.45 -14.38
C MET A 275 16.80 -11.77 -15.71
N GLN A 276 16.49 -11.01 -16.76
CA GLN A 276 17.13 -11.19 -18.08
C GLN A 276 18.64 -10.92 -17.92
N GLN A 277 19.00 -9.90 -17.15
CA GLN A 277 20.42 -9.53 -16.95
C GLN A 277 21.19 -10.68 -16.29
N TYR A 278 20.55 -11.40 -15.35
CA TYR A 278 21.27 -12.40 -14.57
C TYR A 278 20.85 -13.83 -14.86
N GLY A 279 20.06 -14.05 -15.92
CA GLY A 279 19.68 -15.38 -16.33
C GLY A 279 19.06 -16.20 -15.23
N VAL A 280 18.03 -15.65 -14.60
CA VAL A 280 17.32 -16.33 -13.53
C VAL A 280 15.84 -16.33 -13.89
N GLN A 281 15.16 -17.40 -13.50
CA GLN A 281 13.74 -17.56 -13.77
C GLN A 281 13.00 -17.80 -12.46
N PRO A 282 12.48 -16.75 -11.81
CA PRO A 282 11.86 -16.91 -10.49
C PRO A 282 10.48 -17.53 -10.53
N ASP A 283 10.11 -18.14 -9.40
CA ASP A 283 8.74 -18.63 -9.24
C ASP A 283 7.77 -17.48 -9.00
N ILE A 284 8.21 -16.43 -8.32
CA ILE A 284 7.39 -15.26 -8.03
C ILE A 284 8.22 -14.01 -8.30
N VAL A 285 7.60 -13.00 -8.89
CA VAL A 285 8.24 -11.72 -9.15
C VAL A 285 7.36 -10.60 -8.59
N THR A 286 7.99 -9.60 -7.99
CA THR A 286 7.27 -8.45 -7.47
C THR A 286 7.74 -7.20 -8.21
N PHE A 287 6.80 -6.29 -8.48
CA PHE A 287 7.11 -5.10 -9.24
C PHE A 287 6.30 -3.93 -8.70
N ALA A 288 6.78 -2.72 -8.99
CA ALA A 288 6.13 -1.48 -8.61
C ALA A 288 6.86 -0.36 -9.33
N LYS A 289 6.62 0.88 -8.89
CA LYS A 289 7.37 2.04 -9.37
C LYS A 289 7.25 2.24 -10.88
N GLY A 290 8.31 1.88 -11.60
CA GLY A 290 8.44 2.20 -13.00
C GLY A 290 7.30 1.71 -13.87
N ILE A 291 6.53 0.73 -13.39
CA ILE A 291 5.41 0.21 -14.16
C ILE A 291 4.49 1.34 -14.60
N THR A 292 4.35 2.38 -13.77
CA THR A 292 3.58 3.55 -14.16
C THR A 292 4.46 4.78 -14.30
N SER A 293 5.78 4.63 -14.16
CA SER A 293 6.71 5.75 -14.09
C SER A 293 6.39 6.66 -12.91
N GLY A 294 5.70 6.12 -11.90
CA GLY A 294 5.30 6.88 -10.74
C GLY A 294 4.11 7.78 -10.95
N TYR A 295 3.52 7.79 -12.14
CA TYR A 295 2.40 8.69 -12.42
C TYR A 295 1.17 8.34 -11.59
N VAL A 296 0.94 7.05 -11.34
CA VAL A 296 -0.14 6.60 -10.47
C VAL A 296 0.41 5.45 -9.64
N PRO A 297 0.10 5.36 -8.34
CA PRO A 297 0.58 4.24 -7.52
C PRO A 297 0.11 2.91 -8.07
N LEU A 298 1.06 2.04 -8.39
CA LEU A 298 0.74 0.71 -8.89
C LEU A 298 1.87 -0.24 -8.55
N GLY A 299 1.51 -1.47 -8.23
CA GLY A 299 2.45 -2.54 -7.94
C GLY A 299 1.80 -3.85 -8.33
N GLY A 300 2.55 -4.93 -8.20
CA GLY A 300 1.95 -6.22 -8.50
C GLY A 300 2.86 -7.38 -8.17
N VAL A 301 2.26 -8.56 -8.20
CA VAL A 301 2.93 -9.84 -8.02
C VAL A 301 2.58 -10.74 -9.18
N GLY A 302 3.59 -11.34 -9.79
CA GLY A 302 3.41 -12.33 -10.84
C GLY A 302 3.90 -13.69 -10.35
N VAL A 303 3.08 -14.71 -10.60
CA VAL A 303 3.36 -16.07 -10.19
C VAL A 303 3.32 -16.98 -11.40
N SER A 304 4.06 -18.09 -11.27
CA SER A 304 4.18 -19.13 -12.26
C SER A 304 2.88 -19.90 -12.39
N ASP A 305 2.76 -20.63 -13.50
CA ASP A 305 1.55 -21.40 -13.76
C ASP A 305 1.33 -22.48 -12.71
N GLU A 306 2.42 -23.08 -12.20
CA GLU A 306 2.28 -24.12 -11.18
C GLU A 306 1.70 -23.55 -9.88
N ILE A 307 2.25 -22.42 -9.43
CA ILE A 307 1.76 -21.79 -8.20
C ILE A 307 0.30 -21.36 -8.36
N ALA A 308 -0.01 -20.75 -9.51
CA ALA A 308 -1.38 -20.31 -9.76
C ALA A 308 -2.35 -21.49 -9.82
N GLU A 309 -1.93 -22.59 -10.44
CA GLU A 309 -2.78 -23.78 -10.49
C GLU A 309 -3.01 -24.34 -9.10
N THR A 310 -1.96 -24.36 -8.27
CA THR A 310 -2.12 -24.81 -6.89
C THR A 310 -3.12 -23.93 -6.14
N LEU A 311 -2.98 -22.60 -6.28
CA LEU A 311 -3.90 -21.68 -5.62
C LEU A 311 -5.34 -21.89 -6.11
N ALA A 312 -5.51 -22.05 -7.42
CA ALA A 312 -6.82 -22.20 -8.02
C ALA A 312 -7.41 -23.60 -7.85
N SER A 313 -6.65 -24.53 -7.28
CA SER A 313 -7.17 -25.88 -7.04
C SER A 313 -8.04 -25.97 -5.80
N ALA A 314 -8.04 -24.94 -4.96
CA ALA A 314 -8.83 -24.96 -3.73
C ALA A 314 -10.18 -24.30 -3.95
N ASP A 315 -11.25 -25.03 -3.63
CA ASP A 315 -12.61 -24.50 -3.75
C ASP A 315 -12.93 -23.68 -2.49
N ARG A 316 -12.29 -22.52 -2.42
CA ARG A 316 -12.45 -21.60 -1.30
C ARG A 316 -12.05 -20.22 -1.78
N VAL A 317 -12.46 -19.20 -1.03
CA VAL A 317 -12.09 -17.83 -1.37
C VAL A 317 -10.66 -17.56 -0.91
N PHE A 318 -9.89 -16.90 -1.77
CA PHE A 318 -8.52 -16.51 -1.46
C PHE A 318 -8.54 -15.30 -0.54
N MET A 319 -8.21 -15.51 0.73
CA MET A 319 -8.38 -14.48 1.76
C MET A 319 -7.19 -13.53 1.81
N HIS A 320 -6.96 -12.85 0.70
CA HIS A 320 -5.93 -11.82 0.66
C HIS A 320 -6.30 -10.79 -0.41
N GLY A 321 -6.07 -9.52 -0.10
CA GLY A 321 -6.28 -8.47 -1.08
C GLY A 321 -6.25 -7.08 -0.50
N PHE A 322 -5.70 -6.15 -1.27
CA PHE A 322 -5.71 -4.73 -0.94
C PHE A 322 -6.82 -4.05 -1.71
N THR A 323 -7.42 -3.02 -1.09
CA THR A 323 -8.63 -2.42 -1.64
C THR A 323 -8.42 -1.95 -3.08
N TYR A 324 -7.29 -1.34 -3.37
CA TYR A 324 -7.05 -0.73 -4.67
C TYR A 324 -6.33 -1.66 -5.64
N SER A 325 -6.34 -2.97 -5.37
CA SER A 325 -5.73 -3.94 -6.27
C SER A 325 -6.37 -3.85 -7.65
N GLY A 326 -5.55 -3.62 -8.67
CA GLY A 326 -6.05 -3.56 -10.03
C GLY A 326 -6.82 -2.30 -10.34
N HIS A 327 -6.45 -1.17 -9.73
CA HIS A 327 -7.15 0.08 -9.94
C HIS A 327 -7.19 0.43 -11.43
N PRO A 328 -8.37 0.67 -12.00
CA PRO A 328 -8.46 0.89 -13.46
C PRO A 328 -7.62 2.04 -13.96
N VAL A 329 -7.58 3.16 -13.23
CA VAL A 329 -6.79 4.30 -13.69
C VAL A 329 -5.31 3.97 -13.68
N ALA A 330 -4.85 3.32 -12.60
CA ALA A 330 -3.44 2.92 -12.53
C ALA A 330 -3.08 1.98 -13.65
N CYS A 331 -3.95 1.00 -13.94
CA CYS A 331 -3.67 0.03 -14.99
C CYS A 331 -3.66 0.68 -16.38
N ALA A 332 -4.59 1.61 -16.63
CA ALA A 332 -4.60 2.31 -17.91
C ALA A 332 -3.34 3.14 -18.10
N VAL A 333 -2.94 3.86 -17.05
CA VAL A 333 -1.70 4.64 -17.11
C VAL A 333 -0.51 3.71 -17.31
N ALA A 334 -0.54 2.53 -16.68
CA ALA A 334 0.53 1.56 -16.87
C ALA A 334 0.59 1.07 -18.31
N LEU A 335 -0.56 0.84 -18.93
CA LEU A 335 -0.58 0.41 -20.33
C LEU A 335 0.04 1.47 -21.23
N ARG A 336 -0.33 2.74 -21.02
CA ARG A 336 0.26 3.80 -21.83
C ARG A 336 1.75 3.96 -21.57
N ASN A 337 2.15 3.87 -20.30
CA ASN A 337 3.56 3.95 -19.93
C ASN A 337 4.37 2.83 -20.58
N LEU A 338 3.81 1.62 -20.60
CA LEU A 338 4.48 0.50 -21.27
C LEU A 338 4.55 0.74 -22.77
N ASP A 339 3.51 1.34 -23.36
CA ASP A 339 3.57 1.71 -24.77
C ASP A 339 4.78 2.59 -25.04
N ILE A 340 4.96 3.63 -24.22
CA ILE A 340 6.07 4.56 -24.44
C ILE A 340 7.41 3.86 -24.16
N LEU A 341 7.49 3.08 -23.08
CA LEU A 341 8.74 2.43 -22.71
C LEU A 341 9.21 1.47 -23.79
N LEU A 342 8.29 0.65 -24.31
CA LEU A 342 8.64 -0.30 -25.37
C LEU A 342 8.96 0.42 -26.67
N ALA A 343 8.14 1.41 -27.04
CA ALA A 343 8.35 2.11 -28.31
C ALA A 343 9.70 2.82 -28.35
N GLU A 344 10.08 3.46 -27.24
CA GLU A 344 11.35 4.18 -27.18
C GLU A 344 12.51 3.29 -26.78
N ARG A 345 12.26 2.02 -26.43
CA ARG A 345 13.30 1.06 -26.08
C ARG A 345 14.25 1.64 -25.03
N LEU A 346 13.65 2.18 -23.97
CA LEU A 346 14.39 2.96 -22.93
C LEU A 346 15.51 2.12 -22.31
N TRP A 347 15.32 0.81 -22.19
CA TRP A 347 16.38 0.02 -21.55
C TRP A 347 17.70 0.18 -22.29
N GLU A 348 17.66 0.41 -23.60
CA GLU A 348 18.89 0.64 -24.35
C GLU A 348 19.57 1.92 -23.90
N ASN A 349 18.80 3.01 -23.79
CA ASN A 349 19.36 4.25 -23.27
C ASN A 349 19.79 4.10 -21.82
N ALA A 350 19.07 3.29 -21.05
CA ALA A 350 19.49 3.03 -19.68
C ALA A 350 20.86 2.38 -19.64
N ALA A 351 21.08 1.38 -20.50
CA ALA A 351 22.38 0.72 -20.56
C ALA A 351 23.47 1.70 -21.00
N ALA A 352 23.22 2.45 -22.07
CA ALA A 352 24.25 3.35 -22.59
C ALA A 352 24.58 4.46 -21.60
N SER A 353 23.55 5.16 -21.11
CA SER A 353 23.76 6.25 -20.15
C SER A 353 24.35 5.75 -18.85
N GLY A 354 23.92 4.57 -18.39
CA GLY A 354 24.50 4.02 -17.18
C GLY A 354 25.96 3.66 -17.34
N ALA A 355 26.33 3.09 -18.49
CA ALA A 355 27.74 2.82 -18.75
C ALA A 355 28.55 4.10 -18.79
N TYR A 356 28.02 5.13 -19.46
CA TYR A 356 28.73 6.41 -19.51
C TYR A 356 28.87 7.03 -18.12
N LEU A 357 27.79 7.01 -17.34
CA LEU A 357 27.83 7.56 -15.99
C LEU A 357 28.80 6.80 -15.11
N LEU A 358 28.80 5.47 -15.19
CA LEU A 358 29.74 4.69 -14.41
C LEU A 358 31.17 5.01 -14.81
N GLN A 359 31.44 5.09 -16.11
CA GLN A 359 32.79 5.38 -16.60
C GLN A 359 33.26 6.74 -16.09
N GLU A 360 32.44 7.78 -16.22
CA GLU A 360 32.85 9.10 -15.79
C GLU A 360 32.94 9.21 -14.27
N LEU A 361 31.95 8.69 -13.55
CA LEU A 361 31.97 8.75 -12.09
C LEU A 361 33.10 7.93 -11.49
N LYS A 362 33.58 6.90 -12.21
CA LYS A 362 34.70 6.13 -11.69
C LYS A 362 35.98 6.97 -11.61
N ARG A 363 36.05 8.08 -12.35
CA ARG A 363 37.16 9.00 -12.21
C ARG A 363 37.22 9.61 -10.82
N LEU A 364 36.08 9.65 -10.10
CA LEU A 364 36.07 10.15 -8.73
C LEU A 364 36.90 9.27 -7.81
N GLU A 365 37.22 8.06 -8.25
CA GLU A 365 37.96 7.07 -7.42
C GLU A 365 39.37 7.59 -7.08
N GLU A 366 39.86 8.55 -7.87
CA GLU A 366 41.19 9.19 -7.65
C GLU A 366 41.16 9.97 -6.33
N ARG A 367 40.00 10.58 -6.01
CA ARG A 367 39.82 11.39 -4.78
C ARG A 367 40.04 10.51 -3.54
N PRO A 368 40.68 11.03 -2.47
CA PRO A 368 40.98 10.24 -1.27
C PRO A 368 39.77 9.79 -0.48
N TYR A 369 38.59 10.41 -0.66
CA TYR A 369 37.42 10.06 0.14
C TYR A 369 36.42 9.21 -0.61
N VAL A 370 36.75 8.75 -1.81
CA VAL A 370 35.87 7.92 -2.61
C VAL A 370 36.37 6.49 -2.54
N GLY A 371 35.66 5.64 -1.81
CA GLY A 371 36.08 4.25 -1.67
C GLY A 371 35.83 3.45 -2.93
N GLU A 372 34.59 3.48 -3.44
CA GLU A 372 34.23 2.71 -4.61
C GLU A 372 33.08 3.38 -5.33
N VAL A 373 33.14 3.38 -6.66
CA VAL A 373 32.02 3.78 -7.51
C VAL A 373 31.52 2.53 -8.21
N ARG A 374 30.24 2.20 -8.00
CA ARG A 374 29.69 0.99 -8.59
C ARG A 374 28.33 1.29 -9.17
N GLY A 375 27.92 0.48 -10.14
CA GLY A 375 26.62 0.68 -10.75
C GLY A 375 26.27 -0.44 -11.70
N LYS A 376 24.96 -0.57 -11.93
CA LYS A 376 24.41 -1.44 -12.96
C LYS A 376 23.30 -0.66 -13.65
N GLY A 377 23.44 -0.47 -14.96
CA GLY A 377 22.48 0.34 -15.67
C GLY A 377 22.46 1.73 -15.09
N LEU A 378 21.26 2.22 -14.79
CA LEU A 378 21.09 3.54 -14.22
C LEU A 378 21.11 3.55 -12.69
N MET A 379 21.38 2.42 -12.06
CA MET A 379 21.54 2.37 -10.61
C MET A 379 23.01 2.59 -10.28
N LEU A 380 23.34 3.70 -9.63
CA LEU A 380 24.74 4.01 -9.38
C LEU A 380 24.94 4.51 -7.96
N LEU A 381 26.12 4.25 -7.42
CA LEU A 381 26.47 4.67 -6.08
C LEU A 381 27.93 5.05 -6.00
N VAL A 382 28.19 6.17 -5.33
CA VAL A 382 29.53 6.62 -4.96
C VAL A 382 29.62 6.45 -3.45
N GLU A 383 30.40 5.46 -3.00
CA GLU A 383 30.58 5.19 -1.58
C GLU A 383 31.72 6.06 -1.06
N VAL A 384 31.41 6.88 -0.05
CA VAL A 384 32.36 7.83 0.51
C VAL A 384 32.92 7.24 1.79
N VAL A 385 34.25 7.31 1.94
CA VAL A 385 34.91 6.78 3.13
C VAL A 385 35.91 7.79 3.65
N ARG A 386 36.15 7.73 4.96
CA ARG A 386 37.13 8.59 5.60
C ARG A 386 38.56 8.23 5.18
N ASP A 387 38.83 6.94 5.01
CA ASP A 387 40.16 6.45 4.68
C ASP A 387 40.01 5.26 3.75
N LYS A 388 40.69 5.31 2.61
CA LYS A 388 40.65 4.20 1.60
C LYS A 388 41.29 2.92 2.14
N ALA A 389 42.44 3.02 2.82
CA ALA A 389 43.18 1.82 3.31
C ALA A 389 42.35 1.02 4.34
N SER A 390 41.74 1.73 5.30
CA SER A 390 40.91 1.11 6.32
C SER A 390 39.48 0.89 5.83
N LYS A 391 39.01 1.72 4.90
CA LYS A 391 37.64 1.72 4.39
C LYS A 391 36.65 2.25 5.42
N GLU A 392 37.14 2.99 6.41
CA GLU A 392 36.29 3.49 7.49
C GLU A 392 35.40 4.62 7.02
N LYS A 393 34.15 4.58 7.44
CA LYS A 393 33.15 5.59 7.10
C LYS A 393 33.28 6.82 7.98
N PHE A 394 32.74 7.93 7.51
CA PHE A 394 32.70 9.14 8.32
C PHE A 394 31.78 8.92 9.51
N PRO A 395 32.12 9.46 10.68
CA PRO A 395 31.31 9.21 11.88
C PRO A 395 29.98 9.92 11.81
N PRO A 396 29.00 9.50 12.62
CA PRO A 396 27.67 10.15 12.57
C PRO A 396 27.72 11.64 12.87
N GLU A 397 28.60 12.07 13.79
CA GLU A 397 28.68 13.49 14.14
C GLU A 397 29.07 14.35 12.95
N PHE A 398 29.76 13.78 11.96
CA PHE A 398 30.13 14.54 10.77
C PHE A 398 28.91 14.94 9.95
N LYS A 399 27.83 14.16 10.03
CA LYS A 399 26.61 14.44 9.28
C LYS A 399 26.88 14.50 7.79
N LEU A 400 27.54 13.46 7.27
CA LEU A 400 27.90 13.44 5.86
C LEU A 400 26.66 13.48 4.97
N GLY A 401 25.64 12.72 5.32
CA GLY A 401 24.42 12.66 4.54
C GLY A 401 23.73 13.99 4.38
N PRO A 402 23.42 14.67 5.51
CA PRO A 402 22.80 16.00 5.39
C PRO A 402 23.66 17.02 4.67
N LYS A 403 24.98 17.02 4.91
CA LYS A 403 25.85 17.97 4.23
C LYS A 403 25.85 17.74 2.73
N LEU A 404 25.99 16.48 2.30
CA LEU A 404 25.96 16.16 0.88
C LEU A 404 24.60 16.51 0.28
N GLU A 405 23.52 16.27 1.02
CA GLU A 405 22.18 16.59 0.55
C GLU A 405 22.05 18.08 0.28
N ALA A 406 22.47 18.90 1.25
CA ALA A 406 22.41 20.35 1.09
C ALA A 406 23.27 20.83 -0.06
N ALA A 407 24.49 20.30 -0.18
CA ALA A 407 25.39 20.75 -1.25
C ALA A 407 24.83 20.39 -2.62
N THR A 408 24.36 19.15 -2.80
CA THR A 408 23.81 18.74 -4.08
C THR A 408 22.59 19.57 -4.43
N ARG A 409 21.70 19.81 -3.47
CA ARG A 409 20.51 20.61 -3.76
C ARG A 409 20.88 22.06 -4.10
N ARG A 410 21.91 22.60 -3.43
CA ARG A 410 22.36 23.96 -3.77
C ARG A 410 22.94 24.02 -5.17
N ARG A 411 23.47 22.90 -5.67
CA ARG A 411 24.02 22.90 -7.01
C ARG A 411 23.01 22.41 -8.04
N GLY A 412 21.73 22.37 -7.70
CA GLY A 412 20.71 22.05 -8.66
C GLY A 412 20.65 20.58 -9.00
N ILE A 413 21.02 19.71 -8.07
CA ILE A 413 20.97 18.26 -8.27
C ILE A 413 20.19 17.65 -7.11
N ILE A 414 19.29 16.73 -7.43
CA ILE A 414 18.54 15.97 -6.43
C ILE A 414 18.96 14.52 -6.55
N VAL A 415 19.81 14.08 -5.60
CA VAL A 415 20.32 12.68 -5.56
C VAL A 415 20.19 12.19 -4.11
N ARG A 416 20.16 10.87 -3.91
CA ARG A 416 20.03 10.37 -2.52
C ARG A 416 21.38 10.50 -1.82
N CYS A 417 21.41 11.26 -0.72
CA CYS A 417 22.63 11.43 0.06
C CYS A 417 22.47 10.73 1.41
N THR A 418 23.39 9.83 1.72
CA THR A 418 23.34 8.98 2.91
C THR A 418 24.68 9.02 3.62
N PRO A 419 24.76 8.50 4.85
CA PRO A 419 26.06 8.44 5.53
C PRO A 419 27.10 7.64 4.77
N ASP A 420 26.68 6.83 3.81
CA ASP A 420 27.59 6.02 3.01
C ASP A 420 27.98 6.69 1.70
N GLY A 421 27.29 7.74 1.29
CA GLY A 421 27.64 8.39 0.03
C GLY A 421 26.47 8.90 -0.79
N ILE A 422 26.58 8.80 -2.11
CA ILE A 422 25.60 9.36 -3.02
C ILE A 422 25.03 8.25 -3.91
N VAL A 423 23.70 8.18 -3.99
CA VAL A 423 23.00 7.14 -4.81
C VAL A 423 22.26 7.87 -5.94
N MET A 424 22.45 7.42 -7.19
CA MET A 424 21.80 8.08 -8.34
C MET A 424 20.94 7.08 -9.12
N ALA A 425 19.70 7.45 -9.40
CA ALA A 425 18.77 6.65 -10.20
C ALA A 425 17.99 7.56 -11.14
N PRO A 426 18.66 8.13 -12.14
CA PRO A 426 18.00 9.12 -13.02
C PRO A 426 16.99 8.47 -13.93
N PRO A 427 16.08 9.25 -14.52
CA PRO A 427 15.12 8.67 -15.47
C PRO A 427 15.83 8.00 -16.64
N LEU A 428 15.15 7.01 -17.23
CA LEU A 428 15.75 6.21 -18.30
C LEU A 428 15.98 7.02 -19.57
N THR A 429 15.42 8.22 -19.67
CA THR A 429 15.54 9.06 -20.85
C THR A 429 16.74 10.01 -20.79
N ILE A 430 17.57 9.91 -19.75
CA ILE A 430 18.63 10.90 -19.54
C ILE A 430 19.58 10.91 -20.72
N SER A 431 19.85 12.10 -21.25
CA SER A 431 20.79 12.24 -22.34
C SER A 431 22.21 12.34 -21.82
N ARG A 432 23.17 12.29 -22.76
CA ARG A 432 24.57 12.44 -22.38
C ARG A 432 24.82 13.81 -21.75
N ALA A 433 24.25 14.87 -22.31
CA ALA A 433 24.46 16.20 -21.74
C ALA A 433 23.89 16.30 -20.33
N GLU A 434 22.70 15.74 -20.12
CA GLU A 434 22.12 15.70 -18.78
C GLU A 434 22.97 14.83 -17.86
N CYS A 435 23.56 13.75 -18.40
CA CYS A 435 24.48 12.94 -17.63
C CYS A 435 25.68 13.77 -17.19
N ASP A 436 26.21 14.62 -18.07
CA ASP A 436 27.33 15.48 -17.71
C ASP A 436 26.92 16.48 -16.63
N VAL A 437 25.69 17.00 -16.71
CA VAL A 437 25.18 17.88 -15.66
C VAL A 437 25.22 17.16 -14.32
N LEU A 438 24.72 15.92 -14.30
CA LEU A 438 24.70 15.14 -13.06
C LEU A 438 26.10 14.88 -12.54
N ILE A 439 27.02 14.50 -13.45
CA ILE A 439 28.39 14.21 -13.05
C ILE A 439 29.05 15.43 -12.42
N GLU A 440 28.96 16.57 -13.09
CA GLU A 440 29.62 17.77 -12.60
C GLU A 440 29.00 18.24 -11.29
N GLY A 441 27.67 18.13 -11.16
CA GLY A 441 27.04 18.50 -9.91
C GLY A 441 27.49 17.63 -8.75
N VAL A 442 27.54 16.31 -8.96
CA VAL A 442 27.94 15.41 -7.90
C VAL A 442 29.40 15.67 -7.50
N ALA A 443 30.28 15.83 -8.49
CA ALA A 443 31.69 16.07 -8.20
C ALA A 443 31.86 17.37 -7.43
N ALA A 444 31.19 18.44 -7.87
CA ALA A 444 31.31 19.73 -7.19
C ALA A 444 30.77 19.68 -5.77
N ALA A 445 29.64 18.99 -5.56
CA ALA A 445 29.11 18.88 -4.20
C ALA A 445 30.06 18.10 -3.30
N LEU A 446 30.62 17.00 -3.82
CA LEU A 446 31.61 16.25 -3.06
C LEU A 446 32.80 17.14 -2.68
N SER A 447 33.26 17.97 -3.62
CA SER A 447 34.32 18.91 -3.32
C SER A 447 33.91 19.93 -2.26
N ASP A 448 32.67 20.41 -2.34
CA ASP A 448 32.18 21.37 -1.36
C ASP A 448 32.26 20.80 0.05
N VAL A 449 31.80 19.56 0.21
CA VAL A 449 31.72 18.99 1.56
C VAL A 449 33.08 18.49 2.03
N LEU A 450 33.84 17.84 1.16
CA LEU A 450 35.05 17.11 1.56
C LEU A 450 36.35 17.64 0.96
N ASP A 451 36.30 18.69 0.14
CA ASP A 451 37.47 19.21 -0.57
C ASP A 451 38.05 18.16 -1.51
N GLU B 4 -10.77 2.35 -27.03
CA GLU B 4 -10.85 0.98 -26.54
C GLU B 4 -11.16 0.00 -27.68
N THR B 5 -10.48 -1.14 -27.67
CA THR B 5 -10.70 -2.20 -28.65
C THR B 5 -10.89 -3.54 -27.97
N TRP B 6 -11.77 -3.61 -26.97
CA TRP B 6 -11.93 -4.86 -26.23
C TRP B 6 -13.26 -5.50 -26.59
N ASN B 7 -13.26 -6.83 -26.60
CA ASN B 7 -14.48 -7.62 -26.72
C ASN B 7 -14.66 -8.43 -25.43
N ALA B 8 -15.93 -8.60 -25.03
CA ALA B 8 -16.23 -9.17 -23.71
C ALA B 8 -15.68 -10.59 -23.56
N ALA B 9 -15.88 -11.44 -24.57
CA ALA B 9 -15.41 -12.81 -24.47
C ALA B 9 -13.90 -12.88 -24.31
N GLU B 10 -13.20 -12.03 -25.06
CA GLU B 10 -11.71 -11.97 -25.00
C GLU B 10 -11.30 -11.53 -23.58
N LEU B 11 -12.03 -10.56 -23.01
CA LEU B 11 -11.71 -10.07 -21.67
C LEU B 11 -11.91 -11.17 -20.63
N VAL B 12 -13.01 -11.93 -20.75
CA VAL B 12 -13.26 -13.02 -19.81
C VAL B 12 -12.14 -14.07 -19.90
N ALA B 13 -11.78 -14.44 -21.13
CA ALA B 13 -10.73 -15.44 -21.32
C ALA B 13 -9.40 -14.96 -20.75
N LYS B 14 -9.02 -13.72 -21.05
CA LYS B 14 -7.77 -13.16 -20.56
C LYS B 14 -7.76 -13.09 -19.04
N ASP B 15 -8.89 -12.71 -18.44
CA ASP B 15 -8.97 -12.64 -16.99
C ASP B 15 -8.77 -14.02 -16.36
N ILE B 16 -9.45 -15.03 -16.91
CA ILE B 16 -9.28 -16.38 -16.39
C ILE B 16 -7.83 -16.83 -16.55
N ALA B 17 -7.20 -16.47 -17.68
CA ALA B 17 -5.86 -16.95 -17.96
C ALA B 17 -4.80 -16.27 -17.09
N HIS B 18 -4.98 -14.97 -16.79
CA HIS B 18 -3.87 -14.19 -16.24
C HIS B 18 -4.15 -13.41 -14.97
N HIS B 19 -5.38 -13.34 -14.47
CA HIS B 19 -5.71 -12.45 -13.36
C HIS B 19 -5.93 -13.27 -12.08
N LEU B 20 -5.03 -13.12 -11.12
CA LEU B 20 -5.14 -13.76 -9.81
C LEU B 20 -5.93 -12.83 -8.90
N HIS B 21 -7.25 -12.94 -8.96
CA HIS B 21 -8.12 -12.02 -8.25
C HIS B 21 -7.88 -12.08 -6.73
N PRO B 22 -7.91 -10.93 -6.05
CA PRO B 22 -7.97 -10.96 -4.59
C PRO B 22 -9.40 -11.14 -4.10
N LEU B 23 -9.53 -11.76 -2.92
CA LEU B 23 -10.83 -11.94 -2.27
C LEU B 23 -11.83 -12.62 -3.20
N THR B 24 -11.37 -13.65 -3.90
CA THR B 24 -12.17 -14.34 -4.90
C THR B 24 -11.91 -15.84 -4.79
N ASN B 25 -12.95 -16.62 -5.08
CA ASN B 25 -12.80 -18.08 -5.19
C ASN B 25 -12.20 -18.35 -6.57
N LEU B 26 -10.88 -18.59 -6.59
CA LEU B 26 -10.18 -18.78 -7.86
C LEU B 26 -10.70 -20.02 -8.58
N TYR B 27 -11.03 -21.06 -7.82
CA TYR B 27 -11.60 -22.27 -8.39
C TYR B 27 -12.91 -21.95 -9.09
N GLN B 28 -13.78 -21.18 -8.44
CA GLN B 28 -15.02 -20.75 -9.06
C GLN B 28 -14.76 -19.81 -10.23
N LEU B 29 -13.79 -18.90 -10.09
CA LEU B 29 -13.51 -17.93 -11.14
C LEU B 29 -13.11 -18.61 -12.45
N ARG B 30 -12.27 -19.65 -12.35
CA ARG B 30 -11.84 -20.34 -13.57
C ARG B 30 -13.01 -20.97 -14.30
N ARG B 31 -14.00 -21.47 -13.55
CA ARG B 31 -15.15 -22.12 -14.17
C ARG B 31 -16.17 -21.12 -14.69
N GLU B 32 -16.41 -20.01 -13.98
CA GLU B 32 -17.47 -19.08 -14.34
C GLU B 32 -16.99 -17.78 -14.96
N GLY B 33 -15.74 -17.38 -14.70
CA GLY B 33 -15.24 -16.13 -15.24
C GLY B 33 -15.63 -14.95 -14.36
N PRO B 34 -15.09 -13.78 -14.67
CA PRO B 34 -15.36 -12.59 -13.86
C PRO B 34 -16.58 -11.81 -14.36
N LEU B 35 -16.98 -10.84 -13.55
CA LEU B 35 -17.94 -9.82 -13.95
C LEU B 35 -17.15 -8.57 -14.29
N VAL B 36 -17.09 -8.24 -15.58
CA VAL B 36 -16.22 -7.17 -16.08
C VAL B 36 -17.04 -5.89 -16.16
N LEU B 37 -16.70 -4.92 -15.32
CA LEU B 37 -17.36 -3.62 -15.31
C LEU B 37 -16.52 -2.63 -16.11
N VAL B 38 -17.17 -1.88 -17.00
CA VAL B 38 -16.46 -1.06 -17.98
C VAL B 38 -16.83 0.41 -17.89
N ARG B 39 -17.90 0.79 -17.22
CA ARG B 39 -18.34 2.18 -17.25
C ARG B 39 -19.15 2.48 -16.00
N GLY B 40 -19.08 3.73 -15.55
CA GLY B 40 -19.84 4.15 -14.39
C GLY B 40 -20.31 5.60 -14.43
N GLU B 41 -21.50 5.85 -13.91
CA GLU B 41 -21.98 7.20 -13.69
C GLU B 41 -22.91 7.20 -12.47
N GLY B 42 -22.67 8.14 -11.56
CA GLY B 42 -23.46 8.19 -10.34
C GLY B 42 -23.34 6.88 -9.57
N VAL B 43 -24.49 6.27 -9.29
CA VAL B 43 -24.54 5.00 -8.57
C VAL B 43 -24.63 3.80 -9.52
N TRP B 44 -24.48 4.05 -10.82
CA TRP B 44 -24.70 3.03 -11.85
C TRP B 44 -23.38 2.60 -12.46
N VAL B 45 -23.29 1.31 -12.80
CA VAL B 45 -22.16 0.75 -13.53
C VAL B 45 -22.73 -0.16 -14.61
N TRP B 46 -21.92 -0.39 -15.64
CA TRP B 46 -22.31 -1.25 -16.74
C TRP B 46 -21.24 -2.31 -16.97
N ASP B 47 -21.67 -3.54 -17.26
CA ASP B 47 -20.70 -4.60 -17.51
C ASP B 47 -20.33 -4.63 -18.99
N ALA B 48 -19.43 -5.54 -19.35
CA ALA B 48 -18.91 -5.61 -20.71
C ALA B 48 -20.00 -5.94 -21.73
N GLU B 49 -21.09 -6.57 -21.31
CA GLU B 49 -22.17 -6.93 -22.21
C GLU B 49 -23.28 -5.90 -22.27
N GLY B 50 -23.11 -4.75 -21.58
CA GLY B 50 -24.08 -3.67 -21.62
C GLY B 50 -25.13 -3.71 -20.53
N LYS B 51 -25.11 -4.70 -19.66
CA LYS B 51 -26.07 -4.78 -18.58
C LYS B 51 -25.75 -3.74 -17.50
N ARG B 52 -26.80 -3.13 -16.94
CA ARG B 52 -26.64 -2.08 -15.94
C ARG B 52 -26.85 -2.64 -14.54
N TYR B 53 -26.07 -2.14 -13.59
CA TYR B 53 -26.12 -2.53 -12.19
C TYR B 53 -26.08 -1.28 -11.33
N LEU B 54 -26.71 -1.36 -10.17
CA LEU B 54 -26.56 -0.34 -9.14
C LEU B 54 -25.37 -0.70 -8.27
N ASP B 55 -24.43 0.23 -8.14
CA ASP B 55 -23.21 0.00 -7.38
C ASP B 55 -23.55 0.13 -5.89
N GLY B 56 -24.21 -0.90 -5.37
CA GLY B 56 -24.70 -0.90 -3.99
C GLY B 56 -23.61 -0.96 -2.94
N PHE B 57 -22.36 -1.25 -3.33
CA PHE B 57 -21.25 -1.29 -2.41
C PHE B 57 -20.26 -0.15 -2.65
N ALA B 58 -20.57 0.75 -3.58
CA ALA B 58 -19.71 1.87 -3.95
C ALA B 58 -18.28 1.40 -4.20
N GLY B 59 -18.16 0.35 -5.00
CA GLY B 59 -16.88 -0.29 -5.17
C GLY B 59 -16.50 -1.10 -3.94
N LEU B 60 -15.70 -0.49 -3.07
CA LEU B 60 -15.31 -1.11 -1.79
C LEU B 60 -15.47 -0.06 -0.68
N TRP B 61 -16.71 0.33 -0.41
CA TRP B 61 -17.08 1.36 0.56
C TRP B 61 -16.45 2.72 0.24
N ASN B 62 -16.00 2.96 -0.99
CA ASN B 62 -15.13 4.11 -1.22
C ASN B 62 -15.58 5.11 -2.28
N VAL B 63 -16.47 4.76 -3.20
CA VAL B 63 -16.87 5.72 -4.23
C VAL B 63 -17.96 6.62 -3.66
N ASN B 64 -17.57 7.51 -2.75
CA ASN B 64 -18.55 8.27 -1.97
C ASN B 64 -19.31 9.28 -2.81
N ILE B 65 -18.62 10.03 -3.70
CA ILE B 65 -19.30 11.05 -4.50
C ILE B 65 -19.84 10.50 -5.80
N GLY B 66 -19.70 9.20 -6.05
CA GLY B 66 -20.25 8.59 -7.25
C GLY B 66 -19.27 8.57 -8.41
N HIS B 67 -19.64 7.81 -9.43
CA HIS B 67 -18.81 7.66 -10.62
C HIS B 67 -19.02 8.84 -11.57
N GLY B 68 -18.05 9.02 -12.48
CA GLY B 68 -18.20 9.94 -13.58
C GLY B 68 -18.01 11.42 -13.28
N ARG B 69 -17.29 11.76 -12.22
CA ARG B 69 -17.06 13.16 -11.89
C ARG B 69 -15.88 13.68 -12.72
N ARG B 70 -16.19 14.47 -13.74
CA ARG B 70 -15.15 15.01 -14.61
C ARG B 70 -14.22 15.98 -13.90
N GLU B 71 -14.66 16.59 -12.80
CA GLU B 71 -13.80 17.50 -12.06
C GLU B 71 -12.56 16.78 -11.52
N LEU B 72 -12.74 15.58 -10.98
CA LEU B 72 -11.60 14.82 -10.46
C LEU B 72 -10.67 14.38 -11.59
N ALA B 73 -11.25 14.00 -12.74
CA ALA B 73 -10.42 13.65 -13.89
C ALA B 73 -9.60 14.84 -14.35
N GLU B 74 -10.20 16.03 -14.38
CA GLU B 74 -9.47 17.22 -14.79
C GLU B 74 -8.37 17.58 -13.80
N ALA B 75 -8.65 17.42 -12.50
CA ALA B 75 -7.61 17.65 -11.49
C ALA B 75 -6.43 16.69 -11.70
N ALA B 76 -6.73 15.41 -11.92
CA ALA B 76 -5.67 14.44 -12.16
C ALA B 76 -4.88 14.77 -13.41
N ARG B 77 -5.57 15.14 -14.50
CA ARG B 77 -4.87 15.48 -15.74
C ARG B 77 -3.96 16.68 -15.54
N GLU B 78 -4.47 17.73 -14.92
CA GLU B 78 -3.67 18.94 -14.67
C GLU B 78 -2.44 18.61 -13.84
N GLN B 79 -2.63 17.90 -12.73
CA GLN B 79 -1.49 17.58 -11.88
C GLN B 79 -0.49 16.69 -12.58
N MET B 80 -0.96 15.68 -13.32
CA MET B 80 -0.03 14.79 -14.02
C MET B 80 0.79 15.54 -15.05
N GLU B 81 0.17 16.49 -15.76
CA GLU B 81 0.94 17.30 -16.71
C GLU B 81 1.94 18.20 -16.01
N ARG B 82 1.54 18.83 -14.90
CA ARG B 82 2.46 19.72 -14.19
C ARG B 82 3.62 18.96 -13.55
N VAL B 83 3.30 17.96 -12.73
CA VAL B 83 4.27 17.00 -12.19
C VAL B 83 3.47 15.85 -11.58
N ALA B 84 3.82 14.62 -11.95
CA ALA B 84 3.03 13.47 -11.54
C ALA B 84 3.50 12.91 -10.20
N PHE B 85 4.81 12.84 -9.98
CA PHE B 85 5.33 12.26 -8.74
C PHE B 85 6.41 13.17 -8.17
N VAL B 86 6.18 13.63 -6.95
CA VAL B 86 7.20 14.27 -6.12
C VAL B 86 7.19 13.49 -4.81
N PRO B 87 8.31 12.94 -4.37
CA PRO B 87 8.30 12.18 -3.12
C PRO B 87 8.15 13.10 -1.93
N THR B 88 7.63 12.53 -0.84
CA THR B 88 7.64 13.20 0.44
C THR B 88 8.81 12.76 1.30
N PHE B 89 9.65 11.87 0.76
CA PHE B 89 10.87 11.45 1.42
C PHE B 89 11.88 12.59 1.42
N PHE B 90 12.85 12.49 2.34
CA PHE B 90 14.04 13.35 2.36
C PHE B 90 13.67 14.84 2.40
N GLY B 91 12.56 15.17 3.07
CA GLY B 91 12.16 16.56 3.16
C GLY B 91 11.58 17.16 1.90
N LEU B 92 11.24 16.35 0.91
CA LEU B 92 10.61 16.84 -0.30
C LEU B 92 9.10 16.85 -0.15
N ALA B 93 8.43 17.67 -0.95
CA ALA B 93 6.97 17.73 -0.94
C ALA B 93 6.49 18.50 -2.16
N SER B 94 5.23 18.26 -2.52
CA SER B 94 4.54 18.97 -3.57
C SER B 94 3.42 19.83 -2.99
N PRO B 95 2.99 20.87 -3.72
CA PRO B 95 1.94 21.77 -3.19
C PRO B 95 0.65 21.05 -2.86
N PRO B 96 0.16 20.13 -3.71
CA PRO B 96 -1.11 19.46 -3.35
C PRO B 96 -1.03 18.68 -2.05
N THR B 97 0.09 18.02 -1.79
CA THR B 97 0.26 17.28 -0.55
C THR B 97 0.20 18.19 0.66
N ILE B 98 0.91 19.33 0.59
CA ILE B 98 0.94 20.28 1.70
C ILE B 98 -0.45 20.85 1.95
N GLU B 99 -1.13 21.25 0.87
CA GLU B 99 -2.47 21.83 1.01
C GLU B 99 -3.45 20.80 1.58
N LEU B 100 -3.33 19.54 1.15
CA LEU B 100 -4.20 18.51 1.69
C LEU B 100 -3.94 18.29 3.18
N ALA B 101 -2.66 18.32 3.58
CA ALA B 101 -2.35 18.16 5.00
C ALA B 101 -2.96 19.28 5.83
N ALA B 102 -2.82 20.53 5.37
CA ALA B 102 -3.41 21.65 6.11
C ALA B 102 -4.93 21.55 6.16
N ARG B 103 -5.56 21.19 5.04
CA ARG B 103 -7.01 21.09 4.99
C ARG B 103 -7.50 19.99 5.91
N LEU B 104 -6.81 18.85 5.94
CA LEU B 104 -7.18 17.78 6.87
C LEU B 104 -6.99 18.19 8.31
N ALA B 105 -5.95 19.00 8.59
CA ALA B 105 -5.79 19.55 9.94
C ALA B 105 -7.01 20.36 10.33
N GLU B 106 -7.56 21.13 9.37
CA GLU B 106 -8.78 21.87 9.66
C GLU B 106 -9.97 20.94 9.87
N LEU B 107 -10.14 19.96 8.97
CA LEU B 107 -11.34 19.13 8.97
C LEU B 107 -11.38 18.17 10.16
N PHE B 108 -10.24 17.60 10.52
CA PHE B 108 -10.22 16.68 11.66
C PHE B 108 -10.26 17.47 12.96
N PRO B 109 -11.23 17.19 13.84
CA PRO B 109 -11.38 18.01 15.05
C PRO B 109 -10.19 17.94 15.99
N GLY B 110 -9.95 19.03 16.69
CA GLY B 110 -8.94 19.08 17.72
C GLY B 110 -7.51 19.10 17.19
N PRO B 111 -6.56 18.70 18.02
CA PRO B 111 -5.14 18.81 17.65
C PRO B 111 -4.68 17.69 16.73
N LEU B 112 -5.62 17.03 16.04
CA LEU B 112 -5.25 16.07 15.00
C LEU B 112 -4.80 16.88 13.79
N ASP B 113 -3.55 17.32 13.84
CA ASP B 113 -3.05 18.29 12.88
C ASP B 113 -1.82 17.85 12.10
N HIS B 114 -1.29 16.64 12.31
CA HIS B 114 -0.08 16.25 11.59
C HIS B 114 -0.34 14.96 10.81
N PHE B 115 0.01 14.96 9.53
CA PHE B 115 -0.42 13.88 8.66
C PHE B 115 0.73 13.30 7.85
N GLN B 116 0.71 11.98 7.69
CA GLN B 116 1.58 11.27 6.75
C GLN B 116 0.70 10.42 5.85
N PHE B 117 0.87 10.57 4.54
CA PHE B 117 -0.02 9.91 3.61
C PHE B 117 0.52 8.55 3.18
N THR B 118 -0.39 7.73 2.66
CA THR B 118 -0.14 6.36 2.21
C THR B 118 -0.99 6.13 0.97
N SER B 119 -1.05 4.88 0.52
CA SER B 119 -1.87 4.51 -0.63
C SER B 119 -3.05 3.61 -0.29
N GLY B 120 -3.23 3.25 0.99
CA GLY B 120 -4.32 2.35 1.31
C GLY B 120 -4.54 2.25 2.81
N GLY B 121 -5.63 1.57 3.16
CA GLY B 121 -5.99 1.42 4.57
C GLY B 121 -4.99 0.59 5.36
N ALA B 122 -4.54 -0.53 4.78
CA ALA B 122 -3.56 -1.36 5.48
C ALA B 122 -2.26 -0.60 5.71
N GLU B 123 -1.80 0.14 4.70
CA GLU B 123 -0.62 0.97 4.88
C GLU B 123 -0.83 1.98 6.00
N SER B 124 -2.02 2.58 6.06
CA SER B 124 -2.31 3.57 7.09
C SER B 124 -2.28 2.94 8.49
N ASN B 125 -2.92 1.79 8.65
CA ASN B 125 -2.96 1.15 9.96
C ASN B 125 -1.57 0.66 10.38
N GLU B 126 -0.79 0.14 9.45
CA GLU B 126 0.59 -0.22 9.77
C GLU B 126 1.38 1.00 10.21
N THR B 127 1.21 2.11 9.50
CA THR B 127 1.89 3.34 9.88
C THR B 127 1.48 3.80 11.27
N ALA B 128 0.18 3.72 11.58
CA ALA B 128 -0.29 4.14 12.89
C ALA B 128 0.27 3.27 14.01
N ILE B 129 0.28 1.95 13.80
CA ILE B 129 0.81 1.04 14.81
C ILE B 129 2.29 1.31 15.04
N LYS B 130 3.05 1.45 13.96
CA LYS B 130 4.47 1.74 14.08
C LYS B 130 4.70 3.09 14.75
N ILE B 131 3.86 4.08 14.45
CA ILE B 131 4.00 5.40 15.07
C ILE B 131 3.74 5.32 16.56
N ALA B 132 2.72 4.56 16.98
CA ALA B 132 2.45 4.42 18.41
C ALA B 132 3.62 3.77 19.13
N ARG B 133 4.12 2.67 18.57
CA ARG B 133 5.24 1.98 19.21
C ARG B 133 6.49 2.87 19.24
N TYR B 134 6.77 3.58 18.14
CA TYR B 134 7.90 4.49 18.08
C TYR B 134 7.74 5.65 19.06
N TYR B 135 6.51 6.12 19.24
CA TYR B 135 6.24 7.19 20.20
C TYR B 135 6.58 6.74 21.61
N TRP B 136 6.13 5.55 22.00
CA TRP B 136 6.47 5.05 23.32
C TRP B 136 7.97 4.77 23.44
N TRP B 137 8.60 4.32 22.35
CA TRP B 137 10.05 4.11 22.36
C TRP B 137 10.80 5.41 22.61
N LEU B 138 10.37 6.50 21.97
CA LEU B 138 11.01 7.80 22.19
C LEU B 138 10.79 8.29 23.61
N LYS B 139 9.70 7.87 24.25
CA LYS B 139 9.41 8.28 25.62
C LYS B 139 10.16 7.47 26.66
N GLY B 140 11.02 6.54 26.23
CA GLY B 140 11.73 5.71 27.17
C GLY B 140 10.95 4.52 27.68
N GLN B 141 9.96 4.05 26.92
CA GLN B 141 9.14 2.91 27.30
C GLN B 141 9.18 1.88 26.16
N PRO B 142 10.33 1.23 25.94
CA PRO B 142 10.43 0.29 24.82
C PRO B 142 9.57 -0.96 24.97
N GLU B 143 9.08 -1.27 26.17
CA GLU B 143 8.25 -2.46 26.36
C GLU B 143 6.77 -2.20 26.06
N ARG B 144 6.40 -0.95 25.76
CA ARG B 144 5.01 -0.58 25.47
C ARG B 144 4.76 -0.78 23.98
N VAL B 145 4.46 -2.03 23.61
CA VAL B 145 4.34 -2.37 22.19
C VAL B 145 3.04 -3.11 21.88
N LYS B 146 2.35 -3.61 22.90
CA LYS B 146 1.15 -4.40 22.66
C LYS B 146 0.04 -3.55 22.06
N ILE B 147 -0.73 -4.14 21.14
CA ILE B 147 -1.82 -3.44 20.46
C ILE B 147 -3.12 -4.14 20.80
N LEU B 148 -4.09 -3.38 21.30
CA LEU B 148 -5.41 -3.91 21.61
C LEU B 148 -6.30 -3.80 20.39
N SER B 149 -6.96 -4.91 20.04
CA SER B 149 -7.91 -4.95 18.94
C SER B 149 -9.09 -5.81 19.37
N ARG B 150 -10.07 -5.96 18.48
CA ARG B 150 -11.30 -6.67 18.82
C ARG B 150 -11.57 -7.78 17.82
N ARG B 151 -12.31 -8.77 18.29
CA ARG B 151 -12.89 -9.77 17.39
C ARG B 151 -13.83 -9.08 16.42
N MET B 152 -13.83 -9.53 15.17
CA MET B 152 -14.63 -9.03 14.06
C MET B 152 -14.07 -7.71 13.53
N ALA B 153 -12.96 -7.22 14.06
CA ALA B 153 -12.32 -6.02 13.52
C ALA B 153 -11.58 -6.35 12.23
N TYR B 154 -11.58 -5.41 11.30
CA TYR B 154 -10.84 -5.54 10.05
C TYR B 154 -10.04 -4.26 9.81
N HIS B 155 -8.71 -4.38 9.83
CA HIS B 155 -7.83 -3.23 9.66
C HIS B 155 -6.85 -3.40 8.51
N GLY B 156 -7.03 -4.40 7.67
CA GLY B 156 -6.11 -4.72 6.59
C GLY B 156 -5.51 -6.10 6.74
N ILE B 157 -4.92 -6.57 5.65
CA ILE B 157 -4.38 -7.93 5.63
C ILE B 157 -2.87 -7.94 5.40
N ALA B 158 -2.21 -6.81 5.58
CA ALA B 158 -0.76 -6.73 5.47
C ALA B 158 -0.15 -6.30 6.79
N MET B 159 0.98 -6.91 7.14
CA MET B 159 1.86 -6.40 8.19
C MET B 159 1.07 -6.39 9.50
N GLY B 160 1.34 -5.46 10.42
CA GLY B 160 0.65 -5.46 11.70
C GLY B 160 -0.85 -5.38 11.56
N ALA B 161 -1.36 -4.73 10.50
CA ALA B 161 -2.80 -4.66 10.29
C ALA B 161 -3.41 -6.04 10.25
N LEU B 162 -2.73 -7.00 9.62
CA LEU B 162 -3.23 -8.37 9.58
C LEU B 162 -3.42 -8.92 10.99
N SER B 163 -2.48 -8.63 11.89
CA SER B 163 -2.64 -9.03 13.28
C SER B 163 -3.77 -8.25 13.95
N ALA B 164 -3.89 -6.95 13.64
CA ALA B 164 -4.94 -6.15 14.24
C ALA B 164 -6.33 -6.66 13.86
N THR B 165 -6.48 -7.14 12.63
CA THR B 165 -7.74 -7.68 12.16
C THR B 165 -8.17 -8.86 13.04
N GLY B 166 -9.46 -8.90 13.40
CA GLY B 166 -9.99 -9.91 14.29
C GLY B 166 -10.82 -10.99 13.63
N VAL B 167 -10.82 -11.11 12.32
CA VAL B 167 -11.55 -12.16 11.60
C VAL B 167 -10.56 -13.28 11.29
N PRO B 168 -10.66 -14.45 11.93
CA PRO B 168 -9.63 -15.49 11.74
C PRO B 168 -9.53 -16.02 10.34
N ALA B 169 -10.57 -15.88 9.50
CA ALA B 169 -10.51 -16.41 8.14
C ALA B 169 -9.38 -15.77 7.33
N TYR B 170 -9.03 -14.52 7.63
CA TYR B 170 -7.92 -13.88 6.95
C TYR B 170 -6.58 -14.43 7.37
N TRP B 171 -6.47 -14.95 8.60
CA TRP B 171 -5.20 -15.48 9.08
C TRP B 171 -4.87 -16.82 8.45
N GLU B 172 -5.88 -17.64 8.15
CA GLU B 172 -5.68 -19.05 7.84
C GLU B 172 -4.74 -19.26 6.65
N GLY B 173 -3.72 -20.08 6.86
CA GLY B 173 -2.83 -20.52 5.81
C GLY B 173 -1.71 -19.59 5.42
N PHE B 174 -1.63 -18.40 6.03
CA PHE B 174 -0.62 -17.43 5.65
C PHE B 174 0.59 -17.41 6.58
N GLY B 175 0.68 -18.34 7.51
CA GLY B 175 1.86 -18.48 8.35
C GLY B 175 1.82 -17.62 9.60
N PRO B 176 2.99 -17.39 10.20
CA PRO B 176 3.04 -16.63 11.45
C PRO B 176 2.76 -15.15 11.22
N ARG B 177 2.28 -14.50 12.28
CA ARG B 177 1.92 -13.05 12.23
C ARG B 177 2.75 -12.28 13.27
N PRO B 178 2.93 -10.95 13.12
CA PRO B 178 3.73 -10.18 14.07
C PRO B 178 3.14 -10.27 15.49
N PRO B 179 3.98 -10.50 16.53
CA PRO B 179 3.51 -10.62 17.91
C PRO B 179 3.20 -9.27 18.57
N GLY B 180 2.35 -9.28 19.60
CA GLY B 180 1.99 -8.10 20.34
C GLY B 180 0.57 -7.62 20.18
N PHE B 181 -0.33 -8.43 19.64
CA PHE B 181 -1.71 -8.01 19.42
C PHE B 181 -2.65 -8.81 20.31
N ILE B 182 -3.54 -8.10 20.99
CA ILE B 182 -4.51 -8.71 21.89
C ILE B 182 -5.91 -8.39 21.37
N HIS B 183 -6.75 -9.40 21.27
CA HIS B 183 -8.07 -9.27 20.66
C HIS B 183 -9.14 -9.31 21.75
N LEU B 184 -9.98 -8.26 21.77
CA LEU B 184 -11.10 -8.16 22.68
C LEU B 184 -12.38 -8.65 21.99
N THR B 185 -13.44 -8.81 22.78
CA THR B 185 -14.72 -9.19 22.20
C THR B 185 -15.34 -8.03 21.43
N ALA B 186 -16.03 -8.37 20.33
CA ALA B 186 -16.72 -7.36 19.50
C ALA B 186 -17.99 -6.88 20.23
N PRO B 187 -18.38 -5.59 20.15
CA PRO B 187 -19.61 -5.12 20.78
C PRO B 187 -20.73 -5.48 19.81
N TYR B 188 -21.04 -6.78 19.74
CA TYR B 188 -22.02 -7.35 18.82
C TYR B 188 -23.21 -7.83 19.65
N LYS B 189 -24.18 -6.94 19.86
CA LYS B 189 -25.27 -7.21 20.79
C LYS B 189 -26.17 -8.35 20.33
N TYR B 190 -26.39 -8.48 19.02
CA TYR B 190 -27.35 -9.45 18.51
C TYR B 190 -27.03 -10.87 18.96
N ARG B 191 -25.74 -11.21 19.03
CA ARG B 191 -25.33 -12.55 19.44
C ARG B 191 -24.56 -12.60 20.75
N PHE B 192 -23.96 -11.49 21.19
CA PHE B 192 -23.15 -11.48 22.39
C PHE B 192 -23.75 -10.66 23.53
N GLY B 193 -24.85 -9.94 23.29
CA GLY B 193 -25.48 -9.15 24.32
C GLY B 193 -26.95 -9.49 24.50
N GLU B 194 -27.30 -10.76 24.31
CA GLU B 194 -28.69 -11.20 24.38
C GLU B 194 -29.30 -10.91 25.74
N GLY B 195 -30.51 -10.37 25.75
CA GLY B 195 -31.22 -10.10 26.98
C GLY B 195 -30.55 -9.07 27.86
N LEU B 196 -29.86 -8.10 27.26
CA LEU B 196 -29.17 -7.06 27.99
C LEU B 196 -29.61 -5.70 27.45
N THR B 197 -29.64 -4.70 28.33
CA THR B 197 -29.77 -3.35 27.84
C THR B 197 -28.43 -2.87 27.30
N ASP B 198 -28.46 -1.76 26.57
CA ASP B 198 -27.21 -1.20 26.06
C ASP B 198 -26.28 -0.84 27.21
N GLU B 199 -26.83 -0.32 28.31
CA GLU B 199 -26.03 0.05 29.46
C GLU B 199 -25.32 -1.18 30.06
N GLU B 200 -26.07 -2.28 30.25
CA GLU B 200 -25.48 -3.49 30.83
C GLU B 200 -24.39 -4.05 29.91
N PHE B 201 -24.66 -4.07 28.61
CA PHE B 201 -23.68 -4.56 27.65
C PHE B 201 -22.41 -3.72 27.68
N VAL B 202 -22.56 -2.39 27.71
CA VAL B 202 -21.40 -1.50 27.79
C VAL B 202 -20.64 -1.73 29.08
N ALA B 203 -21.36 -1.96 30.19
CA ALA B 203 -20.68 -2.24 31.45
C ALA B 203 -19.85 -3.51 31.36
N ARG B 204 -20.41 -4.55 30.73
CA ARG B 204 -19.66 -5.80 30.56
C ARG B 204 -18.42 -5.59 29.71
N LEU B 205 -18.55 -4.83 28.62
CA LEU B 205 -17.41 -4.58 27.75
C LEU B 205 -16.33 -3.79 28.47
N VAL B 206 -16.73 -2.78 29.24
CA VAL B 206 -15.78 -1.98 30.00
C VAL B 206 -15.05 -2.86 31.02
N GLN B 207 -15.79 -3.74 31.70
CA GLN B 207 -15.17 -4.63 32.67
C GLN B 207 -14.16 -5.55 32.00
N GLU B 208 -14.50 -6.09 30.84
CA GLU B 208 -13.57 -6.94 30.12
C GLU B 208 -12.31 -6.17 29.72
N LEU B 209 -12.47 -4.95 29.21
CA LEU B 209 -11.32 -4.16 28.81
C LEU B 209 -10.40 -3.87 29.99
N GLU B 210 -10.99 -3.46 31.13
CA GLU B 210 -10.19 -3.15 32.30
C GLU B 210 -9.42 -4.38 32.80
N GLU B 211 -10.11 -5.53 32.88
CA GLU B 211 -9.46 -6.74 33.38
C GLU B 211 -8.37 -7.21 32.41
N THR B 212 -8.60 -7.08 31.11
CA THR B 212 -7.56 -7.43 30.14
C THR B 212 -6.34 -6.54 30.30
N ILE B 213 -6.56 -5.23 30.49
CA ILE B 213 -5.45 -4.30 30.69
C ILE B 213 -4.68 -4.67 31.94
N GLU B 214 -5.40 -5.00 33.02
CA GLU B 214 -4.73 -5.41 34.26
C GLU B 214 -3.91 -6.68 34.07
N ARG B 215 -4.45 -7.67 33.36
CA ARG B 215 -3.70 -8.91 33.13
C ARG B 215 -2.43 -8.66 32.36
N GLU B 216 -2.57 -8.00 31.21
CA GLU B 216 -1.42 -7.70 30.32
C GLU B 216 -0.45 -6.73 31.02
N GLY B 217 -0.99 -5.78 31.78
CA GLY B 217 -0.18 -4.71 32.33
C GLY B 217 -0.26 -3.49 31.45
N SER B 218 -0.82 -2.39 31.98
CA SER B 218 -1.05 -1.20 31.17
C SER B 218 0.25 -0.64 30.61
N GLU B 219 1.36 -0.80 31.34
CA GLU B 219 2.63 -0.26 30.89
C GLU B 219 3.18 -0.95 29.65
N THR B 220 2.60 -2.08 29.25
CA THR B 220 3.05 -2.80 28.07
C THR B 220 2.14 -2.58 26.86
N ILE B 221 1.08 -1.81 27.00
CA ILE B 221 0.09 -1.63 25.93
C ILE B 221 0.29 -0.26 25.30
N ALA B 222 0.73 -0.25 24.05
CA ALA B 222 0.97 1.00 23.33
C ALA B 222 -0.33 1.69 22.94
N ALA B 223 -1.29 0.93 22.39
CA ALA B 223 -2.48 1.57 21.85
C ALA B 223 -3.62 0.58 21.71
N PHE B 224 -4.81 1.13 21.45
CA PHE B 224 -6.02 0.41 21.09
C PHE B 224 -6.44 0.89 19.71
N ILE B 225 -6.74 -0.04 18.82
CA ILE B 225 -7.15 0.29 17.45
C ILE B 225 -8.53 -0.28 17.21
N GLY B 226 -9.41 0.55 16.63
CA GLY B 226 -10.76 0.11 16.33
C GLY B 226 -11.45 1.04 15.37
N GLU B 227 -12.45 0.50 14.68
CA GLU B 227 -13.34 1.25 13.80
C GLU B 227 -14.53 1.77 14.62
N PRO B 228 -14.99 3.00 14.34
CA PRO B 228 -16.20 3.47 15.04
C PRO B 228 -17.39 2.54 14.83
N VAL B 229 -17.62 2.15 13.58
CA VAL B 229 -18.53 1.05 13.24
C VAL B 229 -17.72 0.03 12.45
N GLN B 230 -17.63 -1.18 12.99
CA GLN B 230 -16.91 -2.24 12.28
C GLN B 230 -17.60 -2.52 10.96
N GLY B 231 -16.83 -2.54 9.87
CA GLY B 231 -17.43 -2.64 8.55
C GLY B 231 -17.34 -4.00 7.91
N ALA B 232 -16.12 -4.46 7.61
CA ALA B 232 -15.96 -5.76 6.98
C ALA B 232 -16.34 -6.89 7.93
N GLY B 233 -16.16 -6.69 9.23
CA GLY B 233 -16.51 -7.71 10.21
C GLY B 233 -17.99 -8.02 10.26
N GLY B 234 -18.84 -7.14 9.75
CA GLY B 234 -20.26 -7.41 9.75
C GLY B 234 -21.15 -6.26 10.16
N VAL B 235 -20.72 -5.02 9.88
CA VAL B 235 -21.48 -3.81 10.20
C VAL B 235 -21.96 -3.88 11.63
N VAL B 236 -21.03 -3.94 12.58
CA VAL B 236 -21.36 -4.03 13.99
C VAL B 236 -21.49 -2.61 14.52
N VAL B 237 -22.72 -2.18 14.75
CA VAL B 237 -22.98 -0.86 15.31
C VAL B 237 -22.85 -0.97 16.82
N PRO B 238 -21.97 -0.21 17.45
CA PRO B 238 -21.75 -0.35 18.89
C PRO B 238 -22.95 0.15 19.67
N PRO B 239 -23.15 -0.35 20.89
CA PRO B 239 -24.26 0.15 21.69
C PRO B 239 -24.02 1.58 22.12
N ASP B 240 -25.10 2.27 22.45
CA ASP B 240 -25.01 3.66 22.87
C ASP B 240 -24.15 3.78 24.13
N GLY B 241 -23.23 4.73 24.12
CA GLY B 241 -22.35 4.96 25.24
C GLY B 241 -21.10 4.11 25.26
N TYR B 242 -20.91 3.22 24.29
CA TYR B 242 -19.75 2.33 24.28
C TYR B 242 -18.46 3.12 24.13
N TRP B 243 -18.38 3.97 23.11
CA TRP B 243 -17.14 4.67 22.81
C TRP B 243 -16.69 5.61 23.91
N PRO B 244 -17.55 6.45 24.52
CA PRO B 244 -17.05 7.30 25.62
C PRO B 244 -16.47 6.50 26.77
N ALA B 245 -17.13 5.41 27.17
CA ALA B 245 -16.62 4.60 28.29
C ALA B 245 -15.29 3.95 27.93
N ILE B 246 -15.20 3.35 26.75
CA ILE B 246 -13.96 2.68 26.34
C ILE B 246 -12.83 3.70 26.28
N ALA B 247 -13.08 4.86 25.67
CA ALA B 247 -12.05 5.89 25.59
C ALA B 247 -11.64 6.39 26.97
N ALA B 248 -12.61 6.47 27.90
CA ALA B 248 -12.28 6.89 29.26
C ALA B 248 -11.34 5.89 29.93
N VAL B 249 -11.59 4.59 29.75
CA VAL B 249 -10.68 3.59 30.31
C VAL B 249 -9.28 3.73 29.71
N LEU B 250 -9.23 3.87 28.38
CA LEU B 250 -7.94 4.00 27.70
C LEU B 250 -7.16 5.21 28.21
N ARG B 251 -7.85 6.35 28.35
CA ARG B 251 -7.19 7.53 28.91
C ARG B 251 -6.77 7.31 30.35
N LYS B 252 -7.56 6.54 31.12
CA LYS B 252 -7.19 6.25 32.50
C LYS B 252 -5.85 5.54 32.55
N TYR B 253 -5.58 4.65 31.61
CA TYR B 253 -4.28 3.97 31.61
C TYR B 253 -3.25 4.61 30.70
N GLY B 254 -3.58 5.73 30.05
CA GLY B 254 -2.63 6.38 29.17
C GLY B 254 -2.46 5.71 27.82
N ILE B 255 -3.30 4.72 27.51
CA ILE B 255 -3.17 3.98 26.26
C ILE B 255 -3.68 4.84 25.10
N LEU B 256 -2.90 4.89 24.03
CA LEU B 256 -3.29 5.66 22.85
C LEU B 256 -4.50 5.04 22.18
N LEU B 257 -5.32 5.89 21.57
CA LEU B 257 -6.49 5.45 20.82
C LEU B 257 -6.26 5.69 19.35
N ILE B 258 -6.24 4.60 18.57
CA ILE B 258 -6.14 4.67 17.11
C ILE B 258 -7.53 4.41 16.56
N LEU B 259 -8.15 5.42 15.95
CA LEU B 259 -9.48 5.29 15.37
C LEU B 259 -9.32 5.03 13.88
N ASP B 260 -9.87 3.90 13.42
CA ASP B 260 -9.78 3.49 12.02
C ASP B 260 -11.01 4.04 11.30
N GLU B 261 -10.82 5.15 10.59
CA GLU B 261 -11.90 5.79 9.84
C GLU B 261 -11.82 5.50 8.35
N VAL B 262 -11.19 4.38 7.96
CA VAL B 262 -11.01 4.06 6.55
C VAL B 262 -12.36 3.95 5.84
N ILE B 263 -13.33 3.31 6.49
CA ILE B 263 -14.67 3.17 5.92
C ILE B 263 -15.58 4.31 6.36
N THR B 264 -15.64 4.56 7.68
CA THR B 264 -16.58 5.55 8.21
C THR B 264 -16.21 6.97 7.76
N GLY B 265 -14.95 7.22 7.45
CA GLY B 265 -14.51 8.57 7.19
C GLY B 265 -15.12 9.17 5.95
N PHE B 266 -15.15 10.50 5.95
CA PHE B 266 -15.59 11.30 4.81
C PHE B 266 -17.07 11.04 4.45
N GLY B 267 -17.92 11.10 5.47
CA GLY B 267 -19.35 11.27 5.30
C GLY B 267 -20.23 10.03 5.31
N ARG B 268 -19.66 8.83 5.46
CA ARG B 268 -20.49 7.63 5.29
C ARG B 268 -21.53 7.48 6.41
N THR B 269 -21.19 7.86 7.65
CA THR B 269 -22.07 7.60 8.78
C THR B 269 -23.13 8.69 9.00
N GLY B 270 -23.14 9.74 8.20
CA GLY B 270 -24.03 10.87 8.39
C GLY B 270 -23.35 12.10 8.92
N THR B 271 -22.09 11.98 9.35
CA THR B 271 -21.23 13.10 9.67
C THR B 271 -19.95 12.92 8.86
N LEU B 272 -19.13 13.97 8.83
CA LEU B 272 -17.90 13.90 8.04
C LEU B 272 -17.02 12.75 8.53
N PHE B 273 -16.89 12.59 9.84
CA PHE B 273 -16.10 11.49 10.41
C PHE B 273 -16.90 10.81 11.51
N GLY B 274 -16.64 9.51 11.68
CA GLY B 274 -17.33 8.74 12.69
C GLY B 274 -17.03 9.20 14.11
N MET B 275 -15.83 9.77 14.33
CA MET B 275 -15.50 10.27 15.67
C MET B 275 -16.51 11.30 16.14
N GLN B 276 -17.04 12.12 15.24
CA GLN B 276 -18.06 13.09 15.62
C GLN B 276 -19.35 12.40 16.05
N GLN B 277 -19.71 11.31 15.37
CA GLN B 277 -20.93 10.60 15.73
C GLN B 277 -20.88 10.10 17.17
N TYR B 278 -19.73 9.56 17.59
CA TYR B 278 -19.61 8.87 18.85
C TYR B 278 -18.88 9.67 19.91
N GLY B 279 -18.61 10.95 19.64
CA GLY B 279 -17.99 11.84 20.62
C GLY B 279 -16.68 11.33 21.17
N VAL B 280 -15.74 11.01 20.29
CA VAL B 280 -14.43 10.51 20.69
C VAL B 280 -13.37 11.36 20.02
N GLN B 281 -12.25 11.55 20.71
CA GLN B 281 -11.11 12.32 20.19
C GLN B 281 -9.89 11.42 20.20
N PRO B 282 -9.57 10.76 19.10
CA PRO B 282 -8.43 9.84 19.09
C PRO B 282 -7.09 10.56 19.05
N ASP B 283 -6.07 9.88 19.57
CA ASP B 283 -4.71 10.36 19.43
C ASP B 283 -4.20 10.18 18.01
N ILE B 284 -4.64 9.10 17.35
CA ILE B 284 -4.26 8.79 15.98
C ILE B 284 -5.51 8.37 15.22
N VAL B 285 -5.62 8.83 13.97
CA VAL B 285 -6.72 8.48 13.09
C VAL B 285 -6.12 7.98 11.77
N THR B 286 -6.73 6.93 11.21
CA THR B 286 -6.32 6.40 9.93
C THR B 286 -7.48 6.53 8.95
N PHE B 287 -7.16 6.86 7.71
CA PHE B 287 -8.21 7.07 6.71
C PHE B 287 -7.74 6.58 5.35
N ALA B 288 -8.72 6.31 4.49
CA ALA B 288 -8.49 5.84 3.13
C ALA B 288 -9.81 5.87 2.39
N LYS B 289 -9.89 5.18 1.25
CA LYS B 289 -11.14 5.00 0.54
C LYS B 289 -11.76 6.33 0.11
N GLY B 290 -12.77 6.79 0.84
CA GLY B 290 -13.58 7.93 0.44
C GLY B 290 -12.83 9.23 0.26
N ILE B 291 -11.62 9.37 0.82
CA ILE B 291 -10.87 10.62 0.72
C ILE B 291 -10.75 11.08 -0.72
N THR B 292 -10.59 10.15 -1.66
CA THR B 292 -10.55 10.46 -3.08
C THR B 292 -11.76 9.89 -3.82
N SER B 293 -12.72 9.31 -3.11
CA SER B 293 -13.84 8.58 -3.69
C SER B 293 -13.37 7.39 -4.52
N GLY B 294 -12.16 6.89 -4.25
CA GLY B 294 -11.59 5.79 -4.98
C GLY B 294 -11.03 6.14 -6.34
N TYR B 295 -11.05 7.43 -6.72
CA TYR B 295 -10.57 7.82 -8.05
C TYR B 295 -9.06 7.60 -8.18
N VAL B 296 -8.31 7.81 -7.10
CA VAL B 296 -6.87 7.55 -7.08
C VAL B 296 -6.53 6.93 -5.73
N PRO B 297 -5.67 5.91 -5.67
CA PRO B 297 -5.32 5.30 -4.38
C PRO B 297 -4.70 6.32 -3.44
N LEU B 298 -5.33 6.51 -2.28
CA LEU B 298 -4.82 7.42 -1.27
C LEU B 298 -5.29 6.99 0.10
N GLY B 299 -4.41 7.17 1.08
CA GLY B 299 -4.70 6.88 2.48
C GLY B 299 -3.87 7.82 3.32
N GLY B 300 -4.04 7.76 4.63
CA GLY B 300 -3.24 8.61 5.47
C GLY B 300 -3.42 8.32 6.95
N VAL B 301 -2.52 8.91 7.73
CA VAL B 301 -2.55 8.85 9.18
C VAL B 301 -2.45 10.28 9.70
N GLY B 302 -3.34 10.64 10.62
CA GLY B 302 -3.29 11.91 11.31
C GLY B 302 -3.01 11.68 12.79
N VAL B 303 -2.08 12.47 13.32
CA VAL B 303 -1.67 12.36 14.71
C VAL B 303 -1.83 13.72 15.38
N SER B 304 -1.99 13.65 16.69
CA SER B 304 -2.15 14.79 17.57
C SER B 304 -0.85 15.57 17.68
N ASP B 305 -0.97 16.81 18.17
CA ASP B 305 0.20 17.66 18.31
C ASP B 305 1.21 17.08 19.28
N GLU B 306 0.76 16.38 20.33
CA GLU B 306 1.67 15.79 21.29
C GLU B 306 2.53 14.70 20.66
N ILE B 307 1.90 13.79 19.92
CA ILE B 307 2.63 12.70 19.27
C ILE B 307 3.62 13.27 18.25
N ALA B 308 3.16 14.23 17.44
CA ALA B 308 4.03 14.83 16.45
C ALA B 308 5.20 15.57 17.09
N GLU B 309 4.95 16.27 18.20
CA GLU B 309 6.03 16.95 18.90
C GLU B 309 7.05 15.96 19.44
N THR B 310 6.57 14.83 19.98
CA THR B 310 7.47 13.80 20.46
C THR B 310 8.32 13.25 19.32
N LEU B 311 7.69 12.96 18.17
CA LEU B 311 8.42 12.44 17.03
C LEU B 311 9.46 13.45 16.53
N ALA B 312 9.07 14.73 16.45
CA ALA B 312 9.95 15.77 15.94
C ALA B 312 10.99 16.23 16.95
N SER B 313 10.93 15.75 18.18
CA SER B 313 11.94 16.12 19.17
C SER B 313 13.24 15.34 19.03
N ALA B 314 13.25 14.27 18.22
CA ALA B 314 14.45 13.45 18.04
C ALA B 314 15.23 13.91 16.83
N ASP B 315 16.51 14.21 17.03
CA ASP B 315 17.40 14.63 15.94
C ASP B 315 17.92 13.39 15.22
N ARG B 316 17.00 12.78 14.47
CA ARG B 316 17.31 11.56 13.72
C ARG B 316 16.30 11.43 12.59
N VAL B 317 16.62 10.58 11.63
CA VAL B 317 15.72 10.33 10.51
C VAL B 317 14.61 9.40 10.96
N PHE B 318 13.38 9.74 10.60
CA PHE B 318 12.24 8.86 10.88
C PHE B 318 12.25 7.75 9.84
N MET B 319 12.65 6.55 10.26
CA MET B 319 12.92 5.45 9.34
C MET B 319 11.63 4.66 9.04
N HIS B 320 10.66 5.36 8.46
CA HIS B 320 9.43 4.72 8.03
C HIS B 320 8.83 5.51 6.88
N GLY B 321 8.32 4.79 5.89
CA GLY B 321 7.63 5.43 4.78
C GLY B 321 7.36 4.53 3.60
N PHE B 322 6.21 4.72 2.96
CA PHE B 322 5.88 4.02 1.73
C PHE B 322 6.20 4.92 0.55
N THR B 323 6.60 4.31 -0.56
CA THR B 323 7.16 5.06 -1.69
C THR B 323 6.21 6.15 -2.17
N TYR B 324 4.92 5.84 -2.27
CA TYR B 324 3.96 6.75 -2.87
C TYR B 324 3.26 7.64 -1.84
N SER B 325 3.85 7.78 -0.65
CA SER B 325 3.31 8.65 0.38
C SER B 325 3.19 10.07 -0.14
N GLY B 326 1.97 10.62 -0.10
CA GLY B 326 1.77 12.00 -0.53
C GLY B 326 1.82 12.19 -2.02
N HIS B 327 1.38 11.21 -2.80
CA HIS B 327 1.43 11.30 -4.25
C HIS B 327 0.69 12.56 -4.71
N PRO B 328 1.35 13.42 -5.50
CA PRO B 328 0.71 14.70 -5.87
C PRO B 328 -0.61 14.56 -6.60
N VAL B 329 -0.72 13.60 -7.52
CA VAL B 329 -1.97 13.41 -8.24
C VAL B 329 -3.08 12.95 -7.29
N ALA B 330 -2.76 12.01 -6.41
CA ALA B 330 -3.73 11.55 -5.43
C ALA B 330 -4.19 12.69 -4.53
N CYS B 331 -3.26 13.52 -4.07
CA CYS B 331 -3.61 14.62 -3.17
C CYS B 331 -4.45 15.68 -3.89
N ALA B 332 -4.12 15.99 -5.15
CA ALA B 332 -4.93 16.94 -5.91
C ALA B 332 -6.35 16.41 -6.12
N VAL B 333 -6.47 15.14 -6.50
CA VAL B 333 -7.79 14.53 -6.65
C VAL B 333 -8.53 14.55 -5.33
N ALA B 334 -7.82 14.33 -4.22
CA ALA B 334 -8.44 14.39 -2.90
C ALA B 334 -8.96 15.78 -2.60
N LEU B 335 -8.18 16.81 -2.96
CA LEU B 335 -8.63 18.18 -2.73
C LEU B 335 -9.91 18.47 -3.50
N ARG B 336 -9.96 18.07 -4.77
CA ARG B 336 -11.17 18.27 -5.56
C ARG B 336 -12.36 17.48 -5.00
N ASN B 337 -12.10 16.23 -4.60
CA ASN B 337 -13.14 15.40 -4.01
C ASN B 337 -13.68 16.01 -2.73
N LEU B 338 -12.79 16.58 -1.91
CA LEU B 338 -13.24 17.26 -0.69
C LEU B 338 -14.04 18.50 -1.03
N ASP B 339 -13.65 19.23 -2.09
CA ASP B 339 -14.45 20.35 -2.54
C ASP B 339 -15.89 19.92 -2.82
N ILE B 340 -16.04 18.84 -3.57
CA ILE B 340 -17.37 18.37 -3.93
C ILE B 340 -18.11 17.85 -2.70
N LEU B 341 -17.43 17.08 -1.85
CA LEU B 341 -18.07 16.49 -0.69
C LEU B 341 -18.58 17.56 0.28
N LEU B 342 -17.75 18.58 0.55
CA LEU B 342 -18.17 19.65 1.45
C LEU B 342 -19.24 20.52 0.82
N ALA B 343 -19.07 20.89 -0.46
CA ALA B 343 -20.03 21.78 -1.10
C ALA B 343 -21.40 21.14 -1.18
N GLU B 344 -21.46 19.85 -1.52
CA GLU B 344 -22.73 19.15 -1.60
C GLU B 344 -23.19 18.61 -0.26
N ARG B 345 -22.35 18.71 0.77
CA ARG B 345 -22.69 18.29 2.13
C ARG B 345 -23.26 16.87 2.14
N LEU B 346 -22.49 15.96 1.54
CA LEU B 346 -22.90 14.55 1.28
C LEU B 346 -23.22 13.81 2.58
N TRP B 347 -22.65 14.24 3.70
CA TRP B 347 -22.96 13.56 4.99
C TRP B 347 -24.46 13.65 5.27
N GLU B 348 -25.10 14.76 4.87
CA GLU B 348 -26.52 14.94 5.11
C GLU B 348 -27.35 13.93 4.32
N ASN B 349 -27.05 13.80 3.02
CA ASN B 349 -27.72 12.80 2.22
C ASN B 349 -27.40 11.39 2.69
N ALA B 350 -26.18 11.18 3.19
CA ALA B 350 -25.84 9.88 3.75
C ALA B 350 -26.74 9.56 4.93
N ALA B 351 -26.95 10.52 5.83
CA ALA B 351 -27.82 10.31 6.98
C ALA B 351 -29.26 10.05 6.53
N ALA B 352 -29.78 10.88 5.63
CA ALA B 352 -31.17 10.74 5.21
C ALA B 352 -31.41 9.43 4.47
N SER B 353 -30.58 9.16 3.45
CA SER B 353 -30.73 7.94 2.68
C SER B 353 -30.48 6.70 3.52
N GLY B 354 -29.52 6.75 4.45
CA GLY B 354 -29.30 5.63 5.34
C GLY B 354 -30.47 5.36 6.25
N ALA B 355 -31.08 6.42 6.79
CA ALA B 355 -32.27 6.24 7.61
C ALA B 355 -33.40 5.64 6.79
N TYR B 356 -33.60 6.14 5.57
CA TYR B 356 -34.65 5.58 4.71
C TYR B 356 -34.37 4.12 4.38
N LEU B 357 -33.12 3.80 4.03
CA LEU B 357 -32.75 2.44 3.70
C LEU B 357 -32.93 1.51 4.89
N LEU B 358 -32.53 1.96 6.08
CA LEU B 358 -32.71 1.13 7.27
C LEU B 358 -34.19 0.90 7.55
N GLN B 359 -35.01 1.96 7.43
CA GLN B 359 -36.44 1.82 7.70
C GLN B 359 -37.07 0.82 6.73
N GLU B 360 -36.77 0.97 5.44
CA GLU B 360 -37.38 0.07 4.45
C GLU B 360 -36.85 -1.35 4.55
N LEU B 361 -35.53 -1.51 4.72
CA LEU B 361 -34.94 -2.84 4.82
C LEU B 361 -35.31 -3.56 6.11
N LYS B 362 -35.61 -2.83 7.18
CA LYS B 362 -35.98 -3.49 8.43
C LYS B 362 -37.27 -4.28 8.32
N ARG B 363 -38.05 -3.93 7.29
CA ARG B 363 -39.31 -4.65 6.99
C ARG B 363 -38.90 -6.09 6.66
N LEU B 364 -37.74 -6.25 6.01
CA LEU B 364 -37.33 -7.61 5.62
C LEU B 364 -37.27 -8.54 6.83
N GLU B 365 -37.24 -7.96 8.03
CA GLU B 365 -37.25 -8.74 9.25
C GLU B 365 -38.54 -9.49 9.44
N GLU B 366 -39.58 -9.17 8.67
CA GLU B 366 -40.80 -9.97 8.67
C GLU B 366 -40.58 -11.37 8.10
N ARG B 367 -39.51 -11.57 7.33
CA ARG B 367 -39.25 -12.87 6.74
C ARG B 367 -38.62 -13.81 7.76
N PRO B 368 -38.93 -15.11 7.69
CA PRO B 368 -38.40 -16.05 8.70
C PRO B 368 -36.90 -16.24 8.63
N TYR B 369 -36.25 -15.88 7.52
CA TYR B 369 -34.82 -16.13 7.36
C TYR B 369 -33.97 -14.88 7.57
N VAL B 370 -34.55 -13.77 8.00
CA VAL B 370 -33.82 -12.54 8.26
C VAL B 370 -33.70 -12.38 9.77
N GLY B 371 -32.47 -12.57 10.29
CA GLY B 371 -32.27 -12.44 11.72
C GLY B 371 -32.31 -11.01 12.21
N GLU B 372 -31.50 -10.14 11.60
CA GLU B 372 -31.44 -8.74 12.01
C GLU B 372 -30.99 -7.87 10.84
N VAL B 373 -31.60 -6.69 10.74
CA VAL B 373 -31.16 -5.67 9.81
C VAL B 373 -30.60 -4.52 10.65
N ARG B 374 -29.34 -4.16 10.39
CA ARG B 374 -28.69 -3.12 11.17
C ARG B 374 -27.94 -2.18 10.23
N GLY B 375 -27.74 -0.95 10.69
CA GLY B 375 -27.02 0.00 9.87
C GLY B 375 -26.72 1.28 10.62
N LYS B 376 -25.69 1.97 10.13
CA LYS B 376 -25.33 3.31 10.56
C LYS B 376 -24.97 4.12 9.32
N GLY B 377 -25.68 5.23 9.11
CA GLY B 377 -25.45 6.00 7.91
C GLY B 377 -25.73 5.14 6.69
N LEU B 378 -24.79 5.12 5.76
CA LEU B 378 -24.94 4.32 4.54
C LEU B 378 -24.33 2.93 4.68
N MET B 379 -23.88 2.54 5.87
CA MET B 379 -23.39 1.19 6.11
C MET B 379 -24.56 0.34 6.59
N LEU B 380 -24.94 -0.68 5.82
CA LEU B 380 -26.10 -1.48 6.19
C LEU B 380 -25.80 -2.97 5.99
N LEU B 381 -26.46 -3.80 6.79
CA LEU B 381 -26.30 -5.24 6.72
C LEU B 381 -27.62 -5.94 7.04
N VAL B 382 -27.93 -6.94 6.23
CA VAL B 382 -29.04 -7.87 6.45
C VAL B 382 -28.40 -9.21 6.80
N GLU B 383 -28.52 -9.60 8.08
CA GLU B 383 -27.98 -10.88 8.55
C GLU B 383 -29.01 -11.98 8.31
N VAL B 384 -28.61 -13.01 7.57
CA VAL B 384 -29.50 -14.09 7.17
C VAL B 384 -29.26 -15.29 8.08
N VAL B 385 -30.35 -15.87 8.56
CA VAL B 385 -30.32 -17.03 9.44
C VAL B 385 -31.33 -18.05 8.92
N ARG B 386 -31.11 -19.31 9.26
CA ARG B 386 -32.06 -20.35 8.87
C ARG B 386 -33.39 -20.16 9.59
N ASP B 387 -33.35 -19.73 10.84
CA ASP B 387 -34.53 -19.58 11.68
C ASP B 387 -34.32 -18.43 12.65
N LYS B 388 -35.33 -17.58 12.80
CA LYS B 388 -35.20 -16.43 13.69
C LYS B 388 -35.01 -16.88 15.13
N ALA B 389 -35.77 -17.88 15.56
CA ALA B 389 -35.67 -18.39 16.93
C ALA B 389 -34.30 -19.03 17.17
N SER B 390 -33.90 -19.94 16.28
CA SER B 390 -32.63 -20.63 16.47
C SER B 390 -31.44 -19.71 16.23
N LYS B 391 -31.56 -18.78 15.28
CA LYS B 391 -30.50 -17.83 14.92
C LYS B 391 -29.31 -18.53 14.28
N GLU B 392 -29.52 -19.77 13.83
CA GLU B 392 -28.46 -20.59 13.21
C GLU B 392 -28.13 -20.09 11.78
N LYS B 393 -26.83 -20.00 11.50
CA LYS B 393 -26.24 -19.64 10.23
C LYS B 393 -26.43 -20.80 9.26
N PHE B 394 -26.55 -20.47 7.98
CA PHE B 394 -26.65 -21.54 7.00
C PHE B 394 -25.29 -22.27 6.92
N PRO B 395 -25.29 -23.59 6.75
CA PRO B 395 -24.01 -24.34 6.72
C PRO B 395 -23.22 -24.02 5.47
N PRO B 396 -21.91 -24.33 5.44
CA PRO B 396 -21.13 -23.99 4.25
C PRO B 396 -21.62 -24.65 2.97
N GLU B 397 -22.15 -25.88 3.04
CA GLU B 397 -22.54 -26.63 1.83
C GLU B 397 -23.67 -25.96 1.04
N PHE B 398 -24.52 -25.18 1.70
CA PHE B 398 -25.59 -24.45 1.03
C PHE B 398 -25.03 -23.34 0.15
N LYS B 399 -23.85 -22.83 0.48
CA LYS B 399 -23.20 -21.77 -0.30
C LYS B 399 -24.08 -20.53 -0.42
N LEU B 400 -24.51 -20.03 0.74
CA LEU B 400 -25.41 -18.87 0.75
C LEU B 400 -24.77 -17.66 0.09
N GLY B 401 -23.49 -17.43 0.35
CA GLY B 401 -22.79 -16.29 -0.21
C GLY B 401 -22.77 -16.28 -1.73
N PRO B 402 -22.29 -17.36 -2.36
CA PRO B 402 -22.30 -17.41 -3.83
C PRO B 402 -23.70 -17.34 -4.44
N LYS B 403 -24.67 -18.01 -3.83
CA LYS B 403 -26.03 -17.97 -4.37
C LYS B 403 -26.61 -16.56 -4.29
N LEU B 404 -26.43 -15.88 -3.15
CA LEU B 404 -26.89 -14.51 -3.03
C LEU B 404 -26.17 -13.59 -4.00
N GLU B 405 -24.86 -13.82 -4.20
CA GLU B 405 -24.09 -13.02 -5.14
C GLU B 405 -24.67 -13.15 -6.54
N ALA B 406 -24.88 -14.39 -6.99
CA ALA B 406 -25.44 -14.63 -8.31
C ALA B 406 -26.84 -14.06 -8.45
N ALA B 407 -27.67 -14.22 -7.42
CA ALA B 407 -29.05 -13.73 -7.48
C ALA B 407 -29.09 -12.20 -7.54
N THR B 408 -28.31 -11.53 -6.69
CA THR B 408 -28.28 -10.07 -6.72
C THR B 408 -27.75 -9.56 -8.05
N ARG B 409 -26.68 -10.15 -8.57
CA ARG B 409 -26.12 -9.68 -9.86
C ARG B 409 -27.14 -9.87 -10.97
N ARG B 410 -27.88 -10.98 -10.94
CA ARG B 410 -28.90 -11.24 -11.98
C ARG B 410 -29.93 -10.12 -11.93
N ARG B 411 -30.26 -9.63 -10.73
CA ARG B 411 -31.30 -8.58 -10.57
C ARG B 411 -30.74 -7.16 -10.76
N GLY B 412 -29.54 -7.04 -11.31
CA GLY B 412 -28.96 -5.71 -11.59
C GLY B 412 -28.41 -4.97 -10.38
N ILE B 413 -28.11 -5.66 -9.28
CA ILE B 413 -27.51 -4.93 -8.13
C ILE B 413 -26.20 -5.59 -7.72
N ILE B 414 -25.19 -4.77 -7.43
CA ILE B 414 -23.89 -5.28 -6.93
C ILE B 414 -23.80 -4.91 -5.44
N VAL B 415 -23.83 -5.93 -4.58
CA VAL B 415 -23.76 -5.77 -3.09
C VAL B 415 -22.85 -6.89 -2.55
N ARG B 416 -22.35 -6.73 -1.33
CA ARG B 416 -21.46 -7.74 -0.77
C ARG B 416 -22.28 -8.89 -0.21
N CYS B 417 -22.12 -10.08 -0.78
CA CYS B 417 -22.84 -11.25 -0.33
C CYS B 417 -21.88 -12.19 0.37
N THR B 418 -22.19 -12.55 1.61
CA THR B 418 -21.34 -13.35 2.47
C THR B 418 -22.16 -14.46 3.11
N PRO B 419 -21.50 -15.44 3.74
CA PRO B 419 -22.28 -16.49 4.43
C PRO B 419 -23.19 -15.94 5.51
N ASP B 420 -22.97 -14.70 5.96
CA ASP B 420 -23.81 -14.08 6.98
C ASP B 420 -24.93 -13.24 6.40
N GLY B 421 -24.90 -12.94 5.10
CA GLY B 421 -25.96 -12.13 4.54
C GLY B 421 -25.53 -11.12 3.49
N ILE B 422 -26.17 -9.96 3.48
CA ILE B 422 -25.96 -8.94 2.46
C ILE B 422 -25.48 -7.65 3.11
N VAL B 423 -24.38 -7.09 2.58
CA VAL B 423 -23.79 -5.83 3.11
C VAL B 423 -23.91 -4.76 2.02
N MET B 424 -24.45 -3.59 2.37
CA MET B 424 -24.64 -2.51 1.39
C MET B 424 -23.91 -1.24 1.83
N ALA B 425 -23.11 -0.65 0.94
CA ALA B 425 -22.40 0.60 1.18
C ALA B 425 -22.51 1.48 -0.07
N PRO B 426 -23.71 2.00 -0.38
CA PRO B 426 -23.93 2.80 -1.59
C PRO B 426 -23.28 4.19 -1.61
N PRO B 427 -23.09 4.81 -2.80
CA PRO B 427 -22.47 6.13 -2.90
C PRO B 427 -23.30 7.17 -2.12
N LEU B 428 -22.62 8.10 -1.45
CA LEU B 428 -23.30 9.09 -0.60
C LEU B 428 -24.33 9.92 -1.35
N THR B 429 -24.34 9.87 -2.68
CA THR B 429 -25.26 10.66 -3.49
C THR B 429 -26.56 9.93 -3.81
N ILE B 430 -26.76 8.72 -3.27
CA ILE B 430 -27.90 7.90 -3.67
C ILE B 430 -29.21 8.61 -3.34
N SER B 431 -30.09 8.66 -4.34
CA SER B 431 -31.40 9.28 -4.18
C SER B 431 -32.43 8.27 -3.65
N ARG B 432 -33.66 8.78 -3.52
CA ARG B 432 -34.84 7.97 -3.09
C ARG B 432 -35.17 6.90 -4.14
N ALA B 433 -35.15 7.23 -5.45
CA ALA B 433 -35.53 6.24 -6.44
C ALA B 433 -34.48 5.15 -6.53
N GLU B 434 -33.20 5.54 -6.49
CA GLU B 434 -32.13 4.55 -6.50
C GLU B 434 -32.16 3.70 -5.23
N CYS B 435 -32.52 4.31 -4.09
CA CYS B 435 -32.68 3.53 -2.87
C CYS B 435 -33.77 2.47 -3.03
N ASP B 436 -34.88 2.84 -3.68
CA ASP B 436 -35.95 1.87 -3.92
C ASP B 436 -35.49 0.76 -4.84
N VAL B 437 -34.70 1.11 -5.87
CA VAL B 437 -34.14 0.09 -6.76
C VAL B 437 -33.31 -0.89 -5.96
N LEU B 438 -32.43 -0.37 -5.10
CA LEU B 438 -31.56 -1.21 -4.29
C LEU B 438 -32.37 -2.09 -3.35
N ILE B 439 -33.39 -1.51 -2.70
CA ILE B 439 -34.18 -2.26 -1.73
C ILE B 439 -34.90 -3.41 -2.42
N GLU B 440 -35.58 -3.09 -3.53
CA GLU B 440 -36.40 -4.07 -4.28
C GLU B 440 -35.50 -5.19 -4.80
N GLY B 441 -34.32 -4.83 -5.34
CA GLY B 441 -33.38 -5.83 -5.83
C GLY B 441 -32.94 -6.77 -4.72
N VAL B 442 -32.60 -6.23 -3.54
CA VAL B 442 -32.15 -7.07 -2.45
C VAL B 442 -33.26 -8.01 -2.00
N ALA B 443 -34.48 -7.49 -1.85
CA ALA B 443 -35.61 -8.32 -1.43
C ALA B 443 -35.87 -9.44 -2.42
N ALA B 444 -35.85 -9.08 -3.71
CA ALA B 444 -36.09 -10.06 -4.80
C ALA B 444 -34.98 -11.13 -4.78
N ALA B 445 -33.73 -10.71 -4.59
CA ALA B 445 -32.59 -11.65 -4.56
C ALA B 445 -32.75 -12.64 -3.40
N LEU B 446 -33.15 -12.12 -2.24
CA LEU B 446 -33.38 -12.96 -1.06
C LEU B 446 -34.50 -13.95 -1.30
N SER B 447 -35.59 -13.49 -1.94
CA SER B 447 -36.69 -14.39 -2.28
C SER B 447 -36.24 -15.47 -3.26
N ASP B 448 -35.41 -15.09 -4.25
CA ASP B 448 -34.93 -16.08 -5.21
C ASP B 448 -34.16 -17.19 -4.51
N VAL B 449 -33.28 -16.83 -3.59
CA VAL B 449 -32.42 -17.85 -2.99
C VAL B 449 -33.18 -18.66 -1.94
N LEU B 450 -33.98 -17.99 -1.10
CA LEU B 450 -34.57 -18.66 0.05
C LEU B 450 -36.09 -18.73 0.03
N ASP B 451 -36.75 -18.11 -0.95
CA ASP B 451 -38.22 -18.09 -1.09
C ASP B 451 -38.91 -17.60 0.19
N1 PMP C . -9.17 -0.54 7.39
C2 PMP C . -10.48 -0.78 7.23
C2A PMP C . -11.44 -0.25 8.25
C3 PMP C . -10.95 -1.51 6.13
O3 PMP C . -12.28 -1.74 6.00
C4 PMP C . -10.04 -2.00 5.19
C4A PMP C . -10.52 -2.79 4.00
N4A PMP C . -11.87 -2.42 3.58
C5 PMP C . -8.67 -1.74 5.37
C6 PMP C . -8.31 -1.01 6.48
C5A PMP C . -7.65 -2.24 4.39
O4P PMP C . -7.44 -1.27 3.33
P PMP C . -6.50 -1.59 2.06
O1P PMP C . -6.51 -0.34 1.20
O2P PMP C . -5.12 -1.90 2.63
O3P PMP C . -7.12 -2.78 1.37
#